data_4FXM
# 
_entry.id   4FXM 
# 
_audit_conform.dict_name       mmcif_pdbx.dic 
_audit_conform.dict_version    5.379 
_audit_conform.dict_location   http://mmcif.pdb.org/dictionaries/ascii/mmcif_pdbx.dic 
# 
loop_
_database_2.database_id 
_database_2.database_code 
_database_2.pdbx_database_accession 
_database_2.pdbx_DOI 
PDB   4FXM         pdb_00004fxm 10.2210/pdb4fxm/pdb 
NDB   NA1898       ?            ?                   
RCSB  RCSB073480   ?            ?                   
WWPDB D_1000073480 ?            ?                   
# 
_pdbx_database_status.entry_id                        4FXM 
_pdbx_database_status.status_code                     REL 
_pdbx_database_status.deposit_site                    RCSB 
_pdbx_database_status.process_site                    RCSB 
_pdbx_database_status.recvd_initial_deposition_date   2012-07-03 
_pdbx_database_status.status_code_sf                  REL 
_pdbx_database_status.status_code_mr                  ? 
_pdbx_database_status.SG_entry                        ? 
_pdbx_database_status.status_code_cs                  ? 
_pdbx_database_status.methods_development_category    ? 
_pdbx_database_status.pdb_format_compatible           Y 
_pdbx_database_status.status_code_nmr_data            ? 
# 
loop_
_audit_author.name 
_audit_author.pdbx_ordinal 
'Nicoludis, J.M.'  1 
'Miller, S.T.'     2 
'Jeffrey, P.'      3 
'Lawton, T.J.'     4 
'Rosenzweig, A.C.' 5 
'Yatsunyk, L.A.'   6 
# 
_citation.id                        primary 
_citation.title                     
'Optimized End-Stacking Provides Specificity of N-Methyl Mesoporphyrin IX for Human Telomeric G-Quadruplex DNA.' 
_citation.journal_abbrev            J.Am.Chem.Soc. 
_citation.journal_volume            134 
_citation.page_first                20446 
_citation.page_last                 20456 
_citation.year                      2012 
_citation.journal_id_ASTM           JACSAT 
_citation.country                   US 
_citation.journal_id_ISSN           0002-7863 
_citation.journal_id_CSD            0004 
_citation.book_publisher            ? 
_citation.pdbx_database_id_PubMed   23181361 
_citation.pdbx_database_id_DOI      10.1021/ja3088746 
# 
loop_
_citation_author.citation_id 
_citation_author.name 
_citation_author.ordinal 
_citation_author.identifier_ORCID 
primary 'Nicoludis, J.M.' 1 ? 
primary 'Miller, S.T.'    2 ? 
primary 'Jeffrey, P.D.'   3 ? 
primary 'Barrett, S.P.'   4 ? 
primary 'Rablen, P.R.'    5 ? 
primary 'Lawton, T.J.'    6 ? 
primary 'Yatsunyk, L.A.'  7 ? 
# 
_cell.length_a           50.755 
_cell.length_b           41.980 
_cell.length_c           42.384 
_cell.angle_alpha        90.000 
_cell.angle_beta         90.000 
_cell.angle_gamma        90.000 
_cell.entry_id           4FXM 
_cell.pdbx_unique_axis   ? 
_cell.Z_PDB              4 
_cell.length_a_esd       ? 
_cell.length_b_esd       ? 
_cell.length_c_esd       ? 
_cell.angle_alpha_esd    ? 
_cell.angle_beta_esd     ? 
_cell.angle_gamma_esd    ? 
# 
_symmetry.space_group_name_H-M             'P 21 21 2' 
_symmetry.entry_id                         4FXM 
_symmetry.pdbx_full_space_group_name_H-M   ? 
_symmetry.Int_Tables_number                18 
_symmetry.cell_setting                     ? 
_symmetry.space_group_name_Hall            ? 
# 
loop_
_entity.id 
_entity.type 
_entity.src_method 
_entity.pdbx_description 
_entity.formula_weight 
_entity.pdbx_number_of_molecules 
_entity.pdbx_ec 
_entity.pdbx_mutation 
_entity.pdbx_fragment 
_entity.details 
1 polymer     syn 
;DNA (5'-D(*AP*GP*GP*GP*TP*TP*AP*GP*GP*GP*TP*TP*AP*GP*GP*GP*TP*TP*AP*GP*GP*G)-3')
;
6983.497 1  ? ? ? 'Human telomeric repeat sequence, Tel22' 
2 non-polymer syn 'POTASSIUM ION'                                                                    39.098   3  ? ? ? ? 
3 non-polymer syn N-METHYLMESOPORPHYRIN                                                              580.716  1  ? ? ? ? 
4 water       nat water                                                                              18.015   53 ? ? ? ? 
# 
_entity_poly.entity_id                      1 
_entity_poly.type                           polydeoxyribonucleotide 
_entity_poly.nstd_linkage                   no 
_entity_poly.nstd_monomer                   no 
_entity_poly.pdbx_seq_one_letter_code       
;(DA)(DG)(DG)(DG)(DT)(DT)(DA)(DG)(DG)(DG)(DT)(DT)(DA)(DG)(DG)(DG)(DT)(DT)(DA)(DG)
(DG)(DG)
;
_entity_poly.pdbx_seq_one_letter_code_can   AGGGTTAGGGTTAGGGTTAGGG 
_entity_poly.pdbx_strand_id                 A 
_entity_poly.pdbx_target_identifier         ? 
# 
loop_
_entity_poly_seq.entity_id 
_entity_poly_seq.num 
_entity_poly_seq.mon_id 
_entity_poly_seq.hetero 
1 1  DA n 
1 2  DG n 
1 3  DG n 
1 4  DG n 
1 5  DT n 
1 6  DT n 
1 7  DA n 
1 8  DG n 
1 9  DG n 
1 10 DG n 
1 11 DT n 
1 12 DT n 
1 13 DA n 
1 14 DG n 
1 15 DG n 
1 16 DG n 
1 17 DT n 
1 18 DT n 
1 19 DA n 
1 20 DG n 
1 21 DG n 
1 22 DG n 
# 
_pdbx_entity_src_syn.entity_id              1 
_pdbx_entity_src_syn.pdbx_src_id            1 
_pdbx_entity_src_syn.pdbx_alt_source_flag   sample 
_pdbx_entity_src_syn.pdbx_beg_seq_num       ? 
_pdbx_entity_src_syn.pdbx_end_seq_num       ? 
_pdbx_entity_src_syn.organism_scientific    'Homo sapiens' 
_pdbx_entity_src_syn.organism_common_name   Human 
_pdbx_entity_src_syn.ncbi_taxonomy_id       9606 
_pdbx_entity_src_syn.details                'This sequence occurs naturally in humans.' 
# 
_struct_ref.id                         1 
_struct_ref.db_name                    PDB 
_struct_ref.db_code                    4FXM 
_struct_ref.pdbx_db_accession          4FXM 
_struct_ref.entity_id                  1 
_struct_ref.pdbx_align_begin           ? 
_struct_ref.pdbx_seq_one_letter_code   ? 
_struct_ref.pdbx_db_isoform            ? 
# 
_struct_ref_seq.align_id                      1 
_struct_ref_seq.ref_id                        1 
_struct_ref_seq.pdbx_PDB_id_code              4FXM 
_struct_ref_seq.pdbx_strand_id                A 
_struct_ref_seq.seq_align_beg                 1 
_struct_ref_seq.pdbx_seq_align_beg_ins_code   ? 
_struct_ref_seq.seq_align_end                 22 
_struct_ref_seq.pdbx_seq_align_end_ins_code   ? 
_struct_ref_seq.pdbx_db_accession             4FXM 
_struct_ref_seq.db_align_beg                  1 
_struct_ref_seq.pdbx_db_align_beg_ins_code    ? 
_struct_ref_seq.db_align_end                  22 
_struct_ref_seq.pdbx_db_align_end_ins_code    ? 
_struct_ref_seq.pdbx_auth_seq_align_beg       1 
_struct_ref_seq.pdbx_auth_seq_align_end       22 
# 
loop_
_chem_comp.id 
_chem_comp.type 
_chem_comp.mon_nstd_flag 
_chem_comp.name 
_chem_comp.pdbx_synonyms 
_chem_comp.formula 
_chem_comp.formula_weight 
DA  'DNA linking' y "2'-DEOXYADENOSINE-5'-MONOPHOSPHATE" ? 'C10 H14 N5 O6 P' 331.222 
DG  'DNA linking' y "2'-DEOXYGUANOSINE-5'-MONOPHOSPHATE" ? 'C10 H14 N5 O7 P' 347.221 
DT  'DNA linking' y "THYMIDINE-5'-MONOPHOSPHATE"         ? 'C10 H15 N2 O8 P' 322.208 
HOH non-polymer   . WATER                                ? 'H2 O'            18.015  
K   non-polymer   . 'POTASSIUM ION'                      ? 'K 1'             39.098  
MMP non-polymer   . N-METHYLMESOPORPHYRIN                ? 'C35 H40 N4 O4'   580.716 
# 
_exptl.crystals_number   1 
_exptl.entry_id          4FXM 
_exptl.method            'X-RAY DIFFRACTION' 
# 
_exptl_crystal.id                    1 
_exptl_crystal.density_Matthews      3.23 
_exptl_crystal.density_meas          ? 
_exptl_crystal.density_percent_sol   61.95 
_exptl_crystal.description           ? 
_exptl_crystal.F_000                 ? 
_exptl_crystal.preparation           ? 
# 
_exptl_crystal_grow.crystal_id      1 
_exptl_crystal_grow.method          'VAPOR DIFFUSION, HANGING DROP' 
_exptl_crystal_grow.pH              7.2 
_exptl_crystal_grow.temp            277 
_exptl_crystal_grow.pdbx_details    
;15% PEG 400, 0.4M ammonium sulfate, 0.05M lithium cacodylate, 0.05M potassium chloride, 0.01M calcium chloride, , pH 7.2, VAPOR DIFFUSION, HANGING DROP, temperature 277K
;
_exptl_crystal_grow.temp_details    ? 
_exptl_crystal_grow.pdbx_pH_range   ? 
# 
_diffrn.id                     1 
_diffrn.ambient_temp           100 
_diffrn.ambient_temp_details   ? 
_diffrn.crystal_id             1 
# 
_diffrn_detector.diffrn_id              1 
_diffrn_detector.detector               CCD 
_diffrn_detector.type                   'ADSC QUANTUM 315r' 
_diffrn_detector.pdbx_collection_date   2012-04-24 
_diffrn_detector.details                
;Cryogenically cooled double crystal monochrometer with horizontal focusing sagittal bend second mono crystal with 4:1 magnification ratio and vertically focusing mirror.
;
# 
_diffrn_radiation.diffrn_id                        1 
_diffrn_radiation.pdbx_diffrn_protocol             'SINGLE WAVELENGTH' 
_diffrn_radiation.monochromator                    'double crystal monochrometer' 
_diffrn_radiation.wavelength_id                    1 
_diffrn_radiation.pdbx_monochromatic_or_laue_m_l   M 
_diffrn_radiation.pdbx_scattering_type             x-ray 
# 
_diffrn_radiation_wavelength.id           1 
_diffrn_radiation_wavelength.wavelength   1.0750 
_diffrn_radiation_wavelength.wt           1.0 
# 
_diffrn_source.diffrn_id                   1 
_diffrn_source.source                      SYNCHROTRON 
_diffrn_source.type                        'NSLS BEAMLINE X29A' 
_diffrn_source.pdbx_wavelength_list        1.0750 
_diffrn_source.pdbx_wavelength             ? 
_diffrn_source.pdbx_synchrotron_site       NSLS 
_diffrn_source.pdbx_synchrotron_beamline   X29A 
# 
_reflns.entry_id                     4FXM 
_reflns.observed_criterion_sigma_F   0 
_reflns.observed_criterion_sigma_I   0 
_reflns.d_resolution_high            1.65 
_reflns.d_resolution_low             42.38 
_reflns.number_all                   11379 
_reflns.number_obs                   11364 
_reflns.percent_possible_obs         99.9 
_reflns.pdbx_Rmerge_I_obs            ? 
_reflns.pdbx_Rsym_value              ? 
_reflns.pdbx_netI_over_sigmaI        2.8 
_reflns.B_iso_Wilson_estimate        ? 
_reflns.pdbx_redundancy              6.3 
_reflns.R_free_details               ? 
_reflns.limit_h_max                  ? 
_reflns.limit_h_min                  ? 
_reflns.limit_k_max                  ? 
_reflns.limit_k_min                  ? 
_reflns.limit_l_max                  ? 
_reflns.limit_l_min                  ? 
_reflns.observed_criterion_F_max     ? 
_reflns.observed_criterion_F_min     ? 
_reflns.pdbx_chi_squared             ? 
_reflns.pdbx_scaling_rejects         ? 
_reflns.pdbx_ordinal                 1 
_reflns.pdbx_diffrn_id               1 
# 
_reflns_shell.d_res_high             1.65 
_reflns_shell.d_res_low              1.74 
_reflns_shell.percent_possible_obs   ? 
_reflns_shell.percent_possible_all   99.9 
_reflns_shell.Rmerge_I_obs           0.462 
_reflns_shell.meanI_over_sigI_obs    2.8 
_reflns_shell.pdbx_Rsym_value        ? 
_reflns_shell.pdbx_redundancy        6.3 
_reflns_shell.number_unique_all      1638 
_reflns_shell.number_measured_all    ? 
_reflns_shell.number_measured_obs    ? 
_reflns_shell.number_unique_obs      ? 
_reflns_shell.pdbx_chi_squared       ? 
_reflns_shell.pdbx_ordinal           1 
_reflns_shell.pdbx_diffrn_id         1 
# 
_refine.entry_id                                 4FXM 
_refine.ls_d_res_high                            1.6510 
_refine.ls_d_res_low                             42.3800 
_refine.pdbx_ls_sigma_F                          0.000 
_refine.pdbx_data_cutoff_high_absF               ? 
_refine.pdbx_data_cutoff_low_absF                ? 
_refine.ls_percent_reflns_obs                    99.8300 
_refine.ls_number_reflns_obs                     10820 
_refine.ls_number_reflns_all                     10820 
_refine.pdbx_ls_cross_valid_method               THROUGHOUT 
_refine.pdbx_R_Free_selection_details            RANDOM 
_refine.details                                  'U VALUES      : REFINED INDIVIDUALLY' 
_refine.ls_R_factor_all                          0.22389 
_refine.ls_R_factor_obs                          0.22389 
_refine.ls_R_factor_R_work                       0.2221 
_refine.ls_wR_factor_R_work                      ? 
_refine.ls_R_factor_R_free                       0.2616 
_refine.ls_wR_factor_R_free                      ? 
_refine.ls_percent_reflns_R_free                 4.8000 
_refine.ls_number_reflns_R_free                  544 
_refine.ls_R_factor_R_free_error                 ? 
_refine.B_iso_mean                               34.1048 
_refine.solvent_model_param_bsol                 ? 
_refine.solvent_model_param_ksol                 ? 
_refine.pdbx_isotropic_thermal_model             ? 
_refine.aniso_B[1][1]                            0.0200 
_refine.aniso_B[2][2]                            -0.0200 
_refine.aniso_B[3][3]                            -0.0000 
_refine.aniso_B[1][2]                            -0.0000 
_refine.aniso_B[1][3]                            -0.0000 
_refine.aniso_B[2][3]                            0.0000 
_refine.correlation_coeff_Fo_to_Fc               0.9580 
_refine.correlation_coeff_Fo_to_Fc_free          0.9470 
_refine.overall_SU_R_Cruickshank_DPI             ? 
_refine.overall_SU_R_free                        ? 
_refine.pdbx_overall_ESU_R                       0.0960 
_refine.pdbx_overall_ESU_R_Free                  0.1010 
_refine.overall_SU_ML                            0.0640 
_refine.overall_SU_B                             1.8710 
_refine.solvent_model_details                    MASK 
_refine.pdbx_solvent_vdw_probe_radii             1.2000 
_refine.pdbx_solvent_ion_probe_radii             0.8000 
_refine.pdbx_solvent_shrinkage_radii             0.8000 
_refine.ls_number_parameters                     ? 
_refine.ls_number_restraints                     ? 
_refine.pdbx_starting_model                      'PDB ENTRY 3T5E' 
_refine.pdbx_method_to_determine_struct          'MOLECULAR REPLACEMENT' 
_refine.pdbx_stereochemistry_target_values       'MAXIMUM LIKELIHOOD' 
_refine.pdbx_stereochem_target_val_spec_case     ? 
_refine.overall_FOM_work_R_set                   ? 
_refine.B_iso_max                                116.650 
_refine.B_iso_min                                15.390 
_refine.pdbx_overall_phase_error                 ? 
_refine.occupancy_max                            1.000 
_refine.occupancy_min                            0.500 
_refine.pdbx_ls_sigma_I                          0.0 
_refine.ls_redundancy_reflns_obs                 ? 
_refine.ls_R_factor_R_free_error_details         ? 
_refine.pdbx_data_cutoff_high_rms_absF           ? 
_refine.overall_FOM_free_R_set                   ? 
_refine.pdbx_diffrn_id                           1 
_refine.pdbx_refine_id                           'X-RAY DIFFRACTION' 
_refine.pdbx_TLS_residual_ADP_flag               ? 
_refine.pdbx_overall_SU_R_free_Cruickshank_DPI   ? 
_refine.pdbx_overall_SU_R_Blow_DPI               ? 
_refine.pdbx_overall_SU_R_free_Blow_DPI          ? 
# 
_refine_hist.pdbx_refine_id                   'X-RAY DIFFRACTION' 
_refine_hist.cycle_id                         LAST 
_refine_hist.pdbx_number_atoms_protein        0 
_refine_hist.pdbx_number_atoms_nucleic_acid   465 
_refine_hist.pdbx_number_atoms_ligand         46 
_refine_hist.number_atoms_solvent             53 
_refine_hist.number_atoms_total               564 
_refine_hist.d_res_high                       1.6510 
_refine_hist.d_res_low                        42.3800 
# 
loop_
_refine_ls_restr.type 
_refine_ls_restr.number 
_refine_ls_restr.dev_ideal 
_refine_ls_restr.dev_ideal_target 
_refine_ls_restr.weight 
_refine_ls_restr.pdbx_restraint_function 
_refine_ls_restr.pdbx_refine_id 
r_bond_refined_d     571 0.020 0.011 ? ? 'X-RAY DIFFRACTION' 
r_angle_refined_deg  882 3.668 1.463 ? ? 'X-RAY DIFFRACTION' 
r_chiral_restr       67  0.420 0.200 ? ? 'X-RAY DIFFRACTION' 
r_gen_planes_refined 296 0.026 0.020 ? ? 'X-RAY DIFFRACTION' 
# 
_refine_ls_shell.d_res_high                       1.6510 
_refine_ls_shell.d_res_low                        1.6940 
_refine_ls_shell.pdbx_total_number_of_bins_used   20 
_refine_ls_shell.percent_reflns_obs               99.3400 
_refine_ls_shell.number_reflns_R_work             714 
_refine_ls_shell.R_factor_all                     ? 
_refine_ls_shell.R_factor_R_work                  0.3470 
_refine_ls_shell.R_factor_R_free                  0.3050 
_refine_ls_shell.percent_reflns_R_free            ? 
_refine_ls_shell.number_reflns_R_free             34 
_refine_ls_shell.R_factor_R_free_error            ? 
_refine_ls_shell.number_reflns_all                748 
_refine_ls_shell.number_reflns_obs                748 
_refine_ls_shell.redundancy_reflns_obs            ? 
_refine_ls_shell.pdbx_refine_id                   'X-RAY DIFFRACTION' 
# 
_struct.entry_id                  4FXM 
_struct.title                     
'Crystal structure of the complex of a human telomeric repeat G-quadruplex and N-methyl mesoporphyrin IX (P21212)' 
_struct.pdbx_model_details        ? 
_struct.pdbx_CASP_flag            ? 
_struct.pdbx_model_type_details   ? 
# 
_struct_keywords.entry_id        4FXM 
_struct_keywords.text            'Parallel quadruplex, N-methyl mesoporphyrin IX, DNA' 
_struct_keywords.pdbx_keywords   DNA 
# 
loop_
_struct_asym.id 
_struct_asym.pdbx_blank_PDB_chainid_flag 
_struct_asym.pdbx_modified 
_struct_asym.entity_id 
_struct_asym.details 
A N N 1 ? 
B N N 2 ? 
C N N 2 ? 
D N N 2 ? 
E N N 3 ? 
F N N 4 ? 
# 
_struct_biol.id        1 
_struct_biol.details   ? 
# 
loop_
_struct_conn.id 
_struct_conn.conn_type_id 
_struct_conn.pdbx_leaving_atom_flag 
_struct_conn.pdbx_PDB_id 
_struct_conn.ptnr1_label_asym_id 
_struct_conn.ptnr1_label_comp_id 
_struct_conn.ptnr1_label_seq_id 
_struct_conn.ptnr1_label_atom_id 
_struct_conn.pdbx_ptnr1_label_alt_id 
_struct_conn.pdbx_ptnr1_PDB_ins_code 
_struct_conn.pdbx_ptnr1_standard_comp_id 
_struct_conn.ptnr1_symmetry 
_struct_conn.ptnr2_label_asym_id 
_struct_conn.ptnr2_label_comp_id 
_struct_conn.ptnr2_label_seq_id 
_struct_conn.ptnr2_label_atom_id 
_struct_conn.pdbx_ptnr2_label_alt_id 
_struct_conn.pdbx_ptnr2_PDB_ins_code 
_struct_conn.ptnr1_auth_asym_id 
_struct_conn.ptnr1_auth_comp_id 
_struct_conn.ptnr1_auth_seq_id 
_struct_conn.ptnr2_auth_asym_id 
_struct_conn.ptnr2_auth_comp_id 
_struct_conn.ptnr2_auth_seq_id 
_struct_conn.ptnr2_symmetry 
_struct_conn.pdbx_ptnr3_label_atom_id 
_struct_conn.pdbx_ptnr3_label_seq_id 
_struct_conn.pdbx_ptnr3_label_comp_id 
_struct_conn.pdbx_ptnr3_label_asym_id 
_struct_conn.pdbx_ptnr3_label_alt_id 
_struct_conn.pdbx_ptnr3_PDB_ins_code 
_struct_conn.details 
_struct_conn.pdbx_dist_value 
_struct_conn.pdbx_value_order 
_struct_conn.pdbx_role 
metalc1  metalc ? ? A DG 2  O6 ? ? ? 1_555 B K  .  K  ? ? A DG 2  A K  101 1_555 ? ? ? ? ? ? ?           2.812 ? ? 
metalc2  metalc ? ? A DG 2  O6 ? ? ? 1_555 D K  .  K  ? ? A DG 2  A K  103 1_555 ? ? ? ? ? ? ?           2.507 ? ? 
metalc3  metalc ? ? A DG 3  O6 ? ? ? 1_555 B K  .  K  ? ? A DG 3  A K  101 1_555 ? ? ? ? ? ? ?           2.730 ? ? 
metalc4  metalc ? ? A DG 3  O6 ? ? ? 1_555 C K  .  K  ? ? A DG 3  A K  102 1_555 ? ? ? ? ? ? ?           2.939 ? ? 
metalc5  metalc ? ? A DG 4  O6 ? ? ? 1_555 C K  .  K  ? ? A DG 4  A K  102 1_555 ? ? ? ? ? ? ?           2.687 ? ? 
metalc6  metalc ? ? A DG 8  O6 ? ? ? 1_555 B K  .  K  ? ? A DG 8  A K  101 1_555 ? ? ? ? ? ? ?           2.799 ? ? 
metalc7  metalc ? ? A DG 8  O6 ? ? ? 1_555 D K  .  K  ? ? A DG 8  A K  103 1_555 ? ? ? ? ? ? ?           2.679 ? ? 
metalc8  metalc ? ? A DG 9  O6 ? ? ? 1_555 B K  .  K  ? ? A DG 9  A K  101 1_555 ? ? ? ? ? ? ?           2.708 ? ? 
metalc9  metalc ? ? A DG 9  O6 ? ? ? 1_555 C K  .  K  ? ? A DG 9  A K  102 1_555 ? ? ? ? ? ? ?           2.934 ? ? 
metalc10 metalc ? ? A DG 10 O6 ? ? ? 1_555 C K  .  K  ? ? A DG 10 A K  102 1_555 ? ? ? ? ? ? ?           2.699 ? ? 
metalc11 metalc ? ? A DG 14 O6 ? ? ? 1_555 B K  .  K  ? ? A DG 14 A K  101 1_555 ? ? ? ? ? ? ?           2.833 ? ? 
metalc12 metalc ? ? A DG 14 O6 ? ? ? 1_555 D K  .  K  ? ? A DG 14 A K  103 1_555 ? ? ? ? ? ? ?           2.703 ? ? 
metalc13 metalc ? ? A DG 15 O6 ? ? ? 1_555 B K  .  K  ? ? A DG 15 A K  101 1_555 ? ? ? ? ? ? ?           2.695 ? ? 
metalc14 metalc ? ? A DG 15 O6 ? ? ? 1_555 C K  .  K  ? ? A DG 15 A K  102 1_555 ? ? ? ? ? ? ?           2.930 ? ? 
metalc15 metalc ? ? A DG 16 O6 ? ? ? 1_555 C K  .  K  ? ? A DG 16 A K  102 1_555 ? ? ? ? ? ? ?           2.719 ? ? 
metalc16 metalc ? ? A DG 20 O6 ? ? ? 1_555 B K  .  K  ? ? A DG 20 A K  101 1_555 ? ? ? ? ? ? ?           2.808 ? ? 
metalc17 metalc ? ? A DG 20 O6 ? ? ? 1_555 D K  .  K  ? ? A DG 20 A K  103 1_555 ? ? ? ? ? ? ?           2.529 ? ? 
metalc18 metalc ? ? A DG 21 O6 ? ? ? 1_555 B K  .  K  ? ? A DG 21 A K  101 1_555 ? ? ? ? ? ? ?           2.727 ? ? 
metalc19 metalc ? ? A DG 21 O6 ? ? ? 1_555 C K  .  K  ? ? A DG 21 A K  102 1_555 ? ? ? ? ? ? ?           2.910 ? ? 
metalc20 metalc ? ? A DG 22 O6 ? ? ? 1_555 C K  .  K  ? ? A DG 22 A K  102 1_555 ? ? ? ? ? ? ?           2.757 ? ? 
hydrog1  hydrog ? ? A DG 2  N1 ? ? ? 1_555 A DG 8  O6 ? ? A DG 2  A DG 8   1_555 ? ? ? ? ? ? TYPE_6_PAIR ?     ? ? 
hydrog2  hydrog ? ? A DG 2  N2 ? ? ? 1_555 A DG 8  N7 ? ? A DG 2  A DG 8   1_555 ? ? ? ? ? ? TYPE_6_PAIR ?     ? ? 
hydrog3  hydrog ? ? A DG 2  N7 ? ? ? 1_555 A DG 20 N2 ? ? A DG 2  A DG 20  1_555 ? ? ? ? ? ? TYPE_6_PAIR ?     ? ? 
hydrog4  hydrog ? ? A DG 2  O6 ? ? ? 1_555 A DG 20 N1 ? ? A DG 2  A DG 20  1_555 ? ? ? ? ? ? TYPE_6_PAIR ?     ? ? 
hydrog5  hydrog ? ? A DG 3  N1 ? ? ? 1_555 A DG 9  O6 ? ? A DG 3  A DG 9   1_555 ? ? ? ? ? ? TYPE_6_PAIR ?     ? ? 
hydrog6  hydrog ? ? A DG 3  N2 ? ? ? 1_555 A DG 9  N7 ? ? A DG 3  A DG 9   1_555 ? ? ? ? ? ? TYPE_6_PAIR ?     ? ? 
hydrog7  hydrog ? ? A DG 3  N7 ? ? ? 1_555 A DG 21 N2 ? ? A DG 3  A DG 21  1_555 ? ? ? ? ? ? TYPE_6_PAIR ?     ? ? 
hydrog8  hydrog ? ? A DG 3  O6 ? ? ? 1_555 A DG 21 N1 ? ? A DG 3  A DG 21  1_555 ? ? ? ? ? ? TYPE_6_PAIR ?     ? ? 
hydrog9  hydrog ? ? A DG 4  N1 ? ? ? 1_555 A DG 10 O6 ? ? A DG 4  A DG 10  1_555 ? ? ? ? ? ? TYPE_6_PAIR ?     ? ? 
hydrog10 hydrog ? ? A DG 4  N2 ? ? ? 1_555 A DG 10 N7 ? ? A DG 4  A DG 10  1_555 ? ? ? ? ? ? TYPE_6_PAIR ?     ? ? 
hydrog11 hydrog ? ? A DG 4  N7 ? ? ? 1_555 A DG 22 N2 ? ? A DG 4  A DG 22  1_555 ? ? ? ? ? ? TYPE_6_PAIR ?     ? ? 
hydrog12 hydrog ? ? A DG 4  O6 ? ? ? 1_555 A DG 22 N1 ? ? A DG 4  A DG 22  1_555 ? ? ? ? ? ? TYPE_6_PAIR ?     ? ? 
hydrog13 hydrog ? ? A DG 8  N1 ? ? ? 1_555 A DG 14 O6 ? ? A DG 8  A DG 14  1_555 ? ? ? ? ? ? TYPE_6_PAIR ?     ? ? 
hydrog14 hydrog ? ? A DG 8  N2 ? ? ? 1_555 A DG 14 N7 ? ? A DG 8  A DG 14  1_555 ? ? ? ? ? ? TYPE_6_PAIR ?     ? ? 
hydrog15 hydrog ? ? A DG 9  N1 ? ? ? 1_555 A DG 15 O6 ? ? A DG 9  A DG 15  1_555 ? ? ? ? ? ? TYPE_6_PAIR ?     ? ? 
hydrog16 hydrog ? ? A DG 9  N2 ? ? ? 1_555 A DG 15 N7 ? ? A DG 9  A DG 15  1_555 ? ? ? ? ? ? TYPE_6_PAIR ?     ? ? 
hydrog17 hydrog ? ? A DG 10 N1 ? ? ? 1_555 A DG 16 O6 ? ? A DG 10 A DG 16  1_555 ? ? ? ? ? ? TYPE_6_PAIR ?     ? ? 
hydrog18 hydrog ? ? A DG 10 N2 ? ? ? 1_555 A DG 16 N7 ? ? A DG 10 A DG 16  1_555 ? ? ? ? ? ? TYPE_6_PAIR ?     ? ? 
hydrog19 hydrog ? ? A DG 14 N1 ? ? ? 1_555 A DG 20 O6 ? ? A DG 14 A DG 20  1_555 ? ? ? ? ? ? TYPE_6_PAIR ?     ? ? 
hydrog20 hydrog ? ? A DG 14 N2 ? ? ? 1_555 A DG 20 N7 ? ? A DG 14 A DG 20  1_555 ? ? ? ? ? ? TYPE_6_PAIR ?     ? ? 
hydrog21 hydrog ? ? A DG 15 N1 ? ? ? 1_555 A DG 21 O6 ? ? A DG 15 A DG 21  1_555 ? ? ? ? ? ? TYPE_6_PAIR ?     ? ? 
hydrog22 hydrog ? ? A DG 15 N2 ? ? ? 1_555 A DG 21 N7 ? ? A DG 15 A DG 21  1_555 ? ? ? ? ? ? TYPE_6_PAIR ?     ? ? 
hydrog23 hydrog ? ? A DG 16 N1 ? ? ? 1_555 A DG 22 O6 ? ? A DG 16 A DG 22  1_555 ? ? ? ? ? ? TYPE_6_PAIR ?     ? ? 
hydrog24 hydrog ? ? A DG 16 N2 ? ? ? 1_555 A DG 22 N7 ? ? A DG 16 A DG 22  1_555 ? ? ? ? ? ? TYPE_6_PAIR ?     ? ? 
# 
loop_
_struct_conn_type.id 
_struct_conn_type.criteria 
_struct_conn_type.reference 
metalc ? ? 
hydrog ? ? 
# 
loop_
_struct_site.id 
_struct_site.pdbx_evidence_code 
_struct_site.pdbx_auth_asym_id 
_struct_site.pdbx_auth_comp_id 
_struct_site.pdbx_auth_seq_id 
_struct_site.pdbx_auth_ins_code 
_struct_site.pdbx_num_residues 
_struct_site.details 
AC1 Software A K   101 ? 11 'BINDING SITE FOR RESIDUE K A 101'   
AC2 Software A K   102 ? 10 'BINDING SITE FOR RESIDUE K A 102'   
AC3 Software A K   103 ? 10 'BINDING SITE FOR RESIDUE K A 103'   
AC4 Software A MMP 104 ? 10 'BINDING SITE FOR RESIDUE MMP A 104' 
# 
loop_
_struct_site_gen.id 
_struct_site_gen.site_id 
_struct_site_gen.pdbx_num_res 
_struct_site_gen.label_comp_id 
_struct_site_gen.label_asym_id 
_struct_site_gen.label_seq_id 
_struct_site_gen.pdbx_auth_ins_code 
_struct_site_gen.auth_comp_id 
_struct_site_gen.auth_asym_id 
_struct_site_gen.auth_seq_id 
_struct_site_gen.label_atom_id 
_struct_site_gen.label_alt_id 
_struct_site_gen.symmetry 
_struct_site_gen.details 
1  AC1 11 DG  A 2  ? DG  A 2   . ? 1_555 ? 
2  AC1 11 DG  A 3  ? DG  A 3   . ? 1_555 ? 
3  AC1 11 DG  A 8  ? DG  A 8   . ? 1_555 ? 
4  AC1 11 DG  A 9  ? DG  A 9   . ? 1_555 ? 
5  AC1 11 DG  A 14 ? DG  A 14  . ? 1_555 ? 
6  AC1 11 DG  A 15 ? DG  A 15  . ? 1_555 ? 
7  AC1 11 DG  A 20 ? DG  A 20  . ? 1_555 ? 
8  AC1 11 DG  A 21 ? DG  A 21  . ? 1_555 ? 
9  AC1 11 K   C .  ? K   A 102 . ? 1_555 ? 
10 AC1 11 K   D .  ? K   A 103 . ? 1_555 ? 
11 AC1 11 K   D .  ? K   A 103 . ? 2_555 ? 
12 AC2 10 DG  A 3  ? DG  A 3   . ? 1_555 ? 
13 AC2 10 DG  A 4  ? DG  A 4   . ? 1_555 ? 
14 AC2 10 DG  A 9  ? DG  A 9   . ? 1_555 ? 
15 AC2 10 DG  A 10 ? DG  A 10  . ? 1_555 ? 
16 AC2 10 DG  A 15 ? DG  A 15  . ? 1_555 ? 
17 AC2 10 DG  A 16 ? DG  A 16  . ? 1_555 ? 
18 AC2 10 DG  A 21 ? DG  A 21  . ? 1_555 ? 
19 AC2 10 DG  A 22 ? DG  A 22  . ? 1_555 ? 
20 AC2 10 K   B .  ? K   A 101 . ? 1_555 ? 
21 AC2 10 MMP E .  ? MMP A 104 . ? 1_555 ? 
22 AC3 10 DG  A 2  ? DG  A 2   . ? 2_555 ? 
23 AC3 10 DG  A 2  ? DG  A 2   . ? 1_555 ? 
24 AC3 10 DG  A 8  ? DG  A 8   . ? 2_555 ? 
25 AC3 10 DG  A 8  ? DG  A 8   . ? 1_555 ? 
26 AC3 10 DG  A 14 ? DG  A 14  . ? 1_555 ? 
27 AC3 10 DG  A 14 ? DG  A 14  . ? 2_555 ? 
28 AC3 10 DG  A 20 ? DG  A 20  . ? 2_555 ? 
29 AC3 10 DG  A 20 ? DG  A 20  . ? 1_555 ? 
30 AC3 10 K   B .  ? K   A 101 . ? 2_555 ? 
31 AC3 10 K   B .  ? K   A 101 . ? 1_555 ? 
32 AC4 10 DA  A 1  ? DA  A 1   . ? 4_455 ? 
33 AC4 10 DG  A 3  ? DG  A 3   . ? 1_555 ? 
34 AC4 10 DG  A 4  ? DG  A 4   . ? 1_555 ? 
35 AC4 10 DG  A 10 ? DG  A 10  . ? 1_555 ? 
36 AC4 10 DT  A 12 ? DT  A 12  . ? 3_455 ? 
37 AC4 10 DG  A 16 ? DG  A 16  . ? 1_555 ? 
38 AC4 10 DG  A 22 ? DG  A 22  . ? 1_555 ? 
39 AC4 10 K   C .  ? K   A 102 . ? 1_555 ? 
40 AC4 10 HOH F .  ? HOH A 201 . ? 1_555 ? 
41 AC4 10 HOH F .  ? HOH A 242 . ? 1_555 ? 
# 
_atom_sites.entry_id                    4FXM 
_atom_sites.fract_transf_matrix[1][1]   0.01212140 
_atom_sites.fract_transf_matrix[1][2]   -0.01546748 
_atom_sites.fract_transf_matrix[1][3]   -0.00141341 
_atom_sites.fract_transf_matrix[2][1]   0.01063127 
_atom_sites.fract_transf_matrix[2][2]   0.00647552 
_atom_sites.fract_transf_matrix[2][3]   0.02030970 
_atom_sites.fract_transf_matrix[3][1]   -0.01533250 
_atom_sites.fract_transf_matrix[3][2]   -0.01313162 
_atom_sites.fract_transf_matrix[3][3]   0.01221278 
_atom_sites.fract_transf_vector[1]      -0.082330 
_atom_sites.fract_transf_vector[2]      0.098821 
_atom_sites.fract_transf_vector[3]      -0.010721 
# 
loop_
_atom_type.symbol 
C 
K 
N 
O 
P 
# 
loop_
_atom_site.group_PDB 
_atom_site.id 
_atom_site.type_symbol 
_atom_site.label_atom_id 
_atom_site.label_alt_id 
_atom_site.label_comp_id 
_atom_site.label_asym_id 
_atom_site.label_entity_id 
_atom_site.label_seq_id 
_atom_site.pdbx_PDB_ins_code 
_atom_site.Cartn_x 
_atom_site.Cartn_y 
_atom_site.Cartn_z 
_atom_site.occupancy 
_atom_site.B_iso_or_equiv 
_atom_site.pdbx_formal_charge 
_atom_site.auth_seq_id 
_atom_site.auth_comp_id 
_atom_site.auth_asym_id 
_atom_site.auth_atom_id 
_atom_site.pdbx_PDB_model_num 
ATOM   1   O "O5'" . DA  A 1 1  ? 12.344  -5.491  5.028   1.00 73.13  ? 1   DA  A "O5'" 1 
ATOM   2   C "C5'" . DA  A 1 1  ? 12.146  -6.694  4.258   1.00 74.42  ? 1   DA  A "C5'" 1 
ATOM   3   C "C4'" . DA  A 1 1  ? 13.210  -6.772  3.185   1.00 75.65  ? 1   DA  A "C4'" 1 
ATOM   4   O "O4'" . DA  A 1 1  ? 14.326  -7.601  3.595   1.00 75.48  ? 1   DA  A "O4'" 1 
ATOM   5   C "C3'" . DA  A 1 1  ? 12.765  -7.346  1.843   1.00 73.73  ? 1   DA  A "C3'" 1 
ATOM   6   O "O3'" . DA  A 1 1  ? 12.344  -6.271  1.018   1.00 71.33  ? 1   DA  A "O3'" 1 
ATOM   7   C "C2'" . DA  A 1 1  ? 14.029  -7.986  1.298   1.00 66.36  ? 1   DA  A "C2'" 1 
ATOM   8   C "C1'" . DA  A 1 1  ? 14.581  -8.578  2.580   1.00 60.71  ? 1   DA  A "C1'" 1 
ATOM   9   N N9    . DA  A 1 1  ? 13.951  -9.819  3.021   1.00 42.53  ? 1   DA  A N9    1 
ATOM   10  C C8    . DA  A 1 1  ? 12.857  -9.959  3.844   1.00 43.34  ? 1   DA  A C8    1 
ATOM   11  N N7    . DA  A 1 1  ? 12.570  -11.207 4.133   1.00 45.00  ? 1   DA  A N7    1 
ATOM   12  C C5    . DA  A 1 1  ? 13.577  -11.932 3.505   1.00 39.71  ? 1   DA  A C5    1 
ATOM   13  C C6    . DA  A 1 1  ? 13.848  -13.303 3.441   1.00 35.43  ? 1   DA  A C6    1 
ATOM   14  N N6    . DA  A 1 1  ? 13.077  -14.227 4.012   1.00 31.17  ? 1   DA  A N6    1 
ATOM   15  N N1    . DA  A 1 1  ? 14.899  -13.703 2.687   1.00 36.04  ? 1   DA  A N1    1 
ATOM   16  C C2    . DA  A 1 1  ? 15.656  -12.772 2.095   1.00 37.78  ? 1   DA  A C2    1 
ATOM   17  N N3    . DA  A 1 1  ? 15.513  -11.449 2.100   1.00 39.81  ? 1   DA  A N3    1 
ATOM   18  C C4    . DA  A 1 1  ? 14.438  -11.090 2.823   1.00 42.21  ? 1   DA  A C4    1 
ATOM   19  P P     . DG  A 1 2  ? 10.804  -6.469  0.638   1.00 68.95  ? 2   DG  A P     1 
ATOM   20  O OP1   . DG  A 1 2  ? 9.954   -5.941  1.774   1.00 69.91  ? 2   DG  A OP1   1 
ATOM   21  O OP2   . DG  A 1 2  ? 10.602  -7.892  0.063   1.00 55.22  ? 2   DG  A OP2   1 
ATOM   22  O "O5'" . DG  A 1 2  ? 10.985  -5.277  -0.423  1.00 54.16  ? 2   DG  A "O5'" 1 
ATOM   23  C "C5'" . DG  A 1 2  ? 11.610  -5.451  -1.705  1.00 41.47  ? 2   DG  A "C5'" 1 
ATOM   24  C "C4'" . DG  A 1 2  ? 11.186  -4.263  -2.535  1.00 29.43  ? 2   DG  A "C4'" 1 
ATOM   25  O "O4'" . DG  A 1 2  ? 9.820   -4.465  -2.998  1.00 24.24  ? 2   DG  A "O4'" 1 
ATOM   26  C "C3'" . DG  A 1 2  ? 11.237  -2.946  -1.778  1.00 31.83  ? 2   DG  A "C3'" 1 
ATOM   27  O "O3'" . DG  A 1 2  ? 11.993  -2.061  -2.596  1.00 35.55  ? 2   DG  A "O3'" 1 
ATOM   28  C "C2'" . DG  A 1 2  ? 9.803   -2.443  -1.814  1.00 26.01  ? 2   DG  A "C2'" 1 
ATOM   29  C "C1'" . DG  A 1 2  ? 9.125   -3.234  -2.917  1.00 24.05  ? 2   DG  A "C1'" 1 
ATOM   30  N N9    . DG  A 1 2  ? 7.734   -3.559  -2.570  1.00 18.08  ? 2   DG  A N9    1 
ATOM   31  C C8    . DG  A 1 2  ? 7.248   -4.532  -1.729  1.00 20.01  ? 2   DG  A C8    1 
ATOM   32  N N7    . DG  A 1 2  ? 5.934   -4.553  -1.686  1.00 17.45  ? 2   DG  A N7    1 
ATOM   33  C C5    . DG  A 1 2  ? 5.539   -3.593  -2.596  1.00 17.35  ? 2   DG  A C5    1 
ATOM   34  C C6    . DG  A 1 2  ? 4.255   -3.173  -2.963  1.00 19.87  ? 2   DG  A C6    1 
ATOM   35  O O6    . DG  A 1 2  ? 3.173   -3.572  -2.515  1.00 17.22  ? 2   DG  A O6    1 
ATOM   36  N N1    . DG  A 1 2  ? 4.283   -2.090  -3.820  1.00 16.32  ? 2   DG  A N1    1 
ATOM   37  C C2    . DG  A 1 2  ? 5.429   -1.535  -4.355  1.00 19.93  ? 2   DG  A C2    1 
ATOM   38  N N2    . DG  A 1 2  ? 5.250   -0.532  -5.228  1.00 20.75  ? 2   DG  A N2    1 
ATOM   39  N N3    . DG  A 1 2  ? 6.646   -1.937  -4.032  1.00 18.57  ? 2   DG  A N3    1 
ATOM   40  C C4    . DG  A 1 2  ? 6.633   -2.938  -3.129  1.00 17.97  ? 2   DG  A C4    1 
ATOM   41  P P     . DG  A 1 3  ? 12.548  -0.717  -1.868  1.00 41.20  ? 3   DG  A P     1 
ATOM   42  O OP1   . DG  A 1 3  ? 13.775  -0.350  -2.646  1.00 45.43  ? 3   DG  A OP1   1 
ATOM   43  O OP2   . DG  A 1 3  ? 12.431  -0.447  -0.377  1.00 38.38  ? 3   DG  A OP2   1 
ATOM   44  O "O5'" . DG  A 1 3  ? 11.422  0.317   -2.334  1.00 35.70  ? 3   DG  A "O5'" 1 
ATOM   45  C "C5'" . DG  A 1 3  ? 11.252  0.742   -3.651  1.00 29.64  ? 3   DG  A "C5'" 1 
ATOM   46  C "C4'" . DG  A 1 3  ? 10.358  1.959   -3.580  1.00 30.70  ? 3   DG  A "C4'" 1 
ATOM   47  O "O4'" . DG  A 1 3  ? 9.028   1.413   -3.468  1.00 30.42  ? 3   DG  A "O4'" 1 
ATOM   48  C "C3'" . DG  A 1 3  ? 10.517  2.928   -2.407  1.00 29.32  ? 3   DG  A "C3'" 1 
ATOM   49  O "O3'" . DG  A 1 3  ? 10.440  4.281   -2.914  1.00 33.40  ? 3   DG  A "O3'" 1 
ATOM   50  C "C2'" . DG  A 1 3  ? 9.290   2.679   -1.531  1.00 28.81  ? 3   DG  A "C2'" 1 
ATOM   51  C "C1'" . DG  A 1 3  ? 8.283   2.232   -2.593  1.00 28.21  ? 3   DG  A "C1'" 1 
ATOM   52  N N9    . DG  A 1 3  ? 7.210   1.375   -2.046  1.00 24.91  ? 3   DG  A N9    1 
ATOM   53  C C8    . DG  A 1 3  ? 7.408   0.324   -1.188  1.00 21.87  ? 3   DG  A C8    1 
ATOM   54  N N7    . DG  A 1 3  ? 6.300   -0.305  -0.885  1.00 20.25  ? 3   DG  A N7    1 
ATOM   55  C C5    . DG  A 1 3  ? 5.308   0.393   -1.559  1.00 18.28  ? 3   DG  A C5    1 
ATOM   56  C C6    . DG  A 1 3  ? 3.918   0.239   -1.517  1.00 18.36  ? 3   DG  A C6    1 
ATOM   57  O O6    . DG  A 1 3  ? 3.251   -0.607  -0.858  1.00 17.72  ? 3   DG  A O6    1 
ATOM   58  N N1    . DG  A 1 3  ? 3.275   1.169   -2.314  1.00 17.57  ? 3   DG  A N1    1 
ATOM   59  C C2    . DG  A 1 3  ? 3.909   2.190   -3.021  1.00 21.42  ? 3   DG  A C2    1 
ATOM   60  N N2    . DG  A 1 3  ? 3.127   3.007   -3.738  1.00 19.69  ? 3   DG  A N2    1 
ATOM   61  N N3    . DG  A 1 3  ? 5.212   2.341   -3.050  1.00 23.50  ? 3   DG  A N3    1 
ATOM   62  C C4    . DG  A 1 3  ? 5.851   1.413   -2.316  1.00 19.12  ? 3   DG  A C4    1 
ATOM   63  P P     . DG  A 1 4  ? 10.571  5.551   -1.954  1.00 38.29  ? 4   DG  A P     1 
ATOM   64  O OP1   . DG  A 1 4  ? 11.479  6.449   -2.787  1.00 46.68  ? 4   DG  A OP1   1 
ATOM   65  O OP2   . DG  A 1 4  ? 10.812  5.347   -0.517  1.00 40.37  ? 4   DG  A OP2   1 
ATOM   66  O "O5'" . DG  A 1 4  ? 9.197   6.333   -2.044  1.00 32.45  ? 4   DG  A "O5'" 1 
ATOM   67  C "C5'" . DG  A 1 4  ? 8.661   6.607   -3.348  1.00 31.78  ? 4   DG  A "C5'" 1 
ATOM   68  C "C4'" . DG  A 1 4  ? 7.399   7.412   -3.186  1.00 32.32  ? 4   DG  A "C4'" 1 
ATOM   69  O "O4'" . DG  A 1 4  ? 6.328   6.477   -2.841  1.00 30.34  ? 4   DG  A "O4'" 1 
ATOM   70  C "C3'" . DG  A 1 4  ? 7.453   8.421   -2.047  1.00 33.21  ? 4   DG  A "C3'" 1 
ATOM   71  O "O3'" . DG  A 1 4  ? 6.670   9.516   -2.513  1.00 39.35  ? 4   DG  A "O3'" 1 
ATOM   72  C "C2'" . DG  A 1 4  ? 6.747   7.701   -0.899  1.00 32.57  ? 4   DG  A "C2'" 1 
ATOM   73  C "C1'" . DG  A 1 4  ? 5.689   6.900   -1.645  1.00 30.84  ? 4   DG  A "C1'" 1 
ATOM   74  N N9    . DG  A 1 4  ? 5.280   5.689   -0.929  1.00 28.00  ? 4   DG  A N9    1 
ATOM   75  C C8    . DG  A 1 4  ? 6.120   4.718   -0.427  1.00 27.92  ? 4   DG  A C8    1 
ATOM   76  N N7    . DG  A 1 4  ? 5.471   3.709   0.098   1.00 24.76  ? 4   DG  A N7    1 
ATOM   77  C C5    . DG  A 1 4  ? 4.130   3.987   -0.160  1.00 22.63  ? 4   DG  A C5    1 
ATOM   78  C C6    . DG  A 1 4  ? 2.958   3.285   0.250   1.00 21.32  ? 4   DG  A C6    1 
ATOM   79  O O6    . DG  A 1 4  ? 2.905   2.180   0.806   1.00 20.61  ? 4   DG  A O6    1 
ATOM   80  N N1    . DG  A 1 4  ? 1.791   3.916   -0.186  1.00 22.53  ? 4   DG  A N1    1 
ATOM   81  C C2    . DG  A 1 4  ? 1.753   5.128   -0.838  1.00 23.59  ? 4   DG  A C2    1 
ATOM   82  N N2    . DG  A 1 4  ? 0.543   5.590   -1.188  1.00 24.42  ? 4   DG  A N2    1 
ATOM   83  N N3    . DG  A 1 4  ? 2.853   5.790   -1.227  1.00 26.07  ? 4   DG  A N3    1 
ATOM   84  C C4    . DG  A 1 4  ? 3.986   5.204   -0.777  1.00 25.42  ? 4   DG  A C4    1 
ATOM   85  P P     . DT  A 1 5  ? 7.249   11.059  -2.248  1.00 42.57  ? 5   DT  A P     1 
ATOM   86  O OP1   . DT  A 1 5  ? 7.760   11.184  -0.854  1.00 37.80  ? 5   DT  A OP1   1 
ATOM   87  O OP2   . DT  A 1 5  ? 6.163   11.944  -2.825  1.00 42.03  ? 5   DT  A OP2   1 
ATOM   88  O "O5'" . DT  A 1 5  ? 8.530   11.096  -3.204  1.00 42.85  ? 5   DT  A "O5'" 1 
ATOM   89  C "C5'" . DT  A 1 5  ? 8.435   11.001  -4.639  1.00 45.48  ? 5   DT  A "C5'" 1 
ATOM   90  C "C4'" . DT  A 1 5  ? 9.871   10.980  -5.105  1.00 45.86  ? 5   DT  A "C4'" 1 
ATOM   91  O "O4'" . DT  A 1 5  ? 10.497  9.720   -4.803  1.00 40.26  ? 5   DT  A "O4'" 1 
ATOM   92  C "C3'" . DT  A 1 5  ? 10.164  11.282  -6.572  1.00 46.53  ? 5   DT  A "C3'" 1 
ATOM   93  O "O3'" . DT  A 1 5  ? 11.237  12.251  -6.527  1.00 52.07  ? 5   DT  A "O3'" 1 
ATOM   94  C "C2'" . DT  A 1 5  ? 10.606  9.939   -7.142  1.00 38.92  ? 5   DT  A "C2'" 1 
ATOM   95  C "C1'" . DT  A 1 5  ? 11.273  9.307   -5.929  1.00 44.97  ? 5   DT  A "C1'" 1 
ATOM   96  N N1    . DT  A 1 5  ? 11.323  7.834   -5.930  1.00 41.34  ? 5   DT  A N1    1 
ATOM   97  C C2    . DT  A 1 5  ? 12.513  7.232   -5.601  1.00 42.53  ? 5   DT  A C2    1 
ATOM   98  O O2    . DT  A 1 5  ? 13.504  7.856   -5.274  1.00 50.17  ? 5   DT  A O2    1 
ATOM   99  N N3    . DT  A 1 5  ? 12.490  5.860   -5.633  1.00 42.46  ? 5   DT  A N3    1 
ATOM   100 C C4    . DT  A 1 5  ? 11.403  5.048   -5.908  1.00 40.26  ? 5   DT  A C4    1 
ATOM   101 O O4    . DT  A 1 5  ? 11.552  3.833   -5.953  1.00 37.63  ? 5   DT  A O4    1 
ATOM   102 C C5    . DT  A 1 5  ? 10.184  5.746   -6.260  1.00 43.63  ? 5   DT  A C5    1 
ATOM   103 C C7    . DT  A 1 5  ? 8.970   4.953   -6.629  1.00 37.57  ? 5   DT  A C7    1 
ATOM   104 C C6    . DT  A 1 5  ? 10.206  7.088   -6.259  1.00 44.77  ? 5   DT  A C6    1 
ATOM   105 P P     . DT  A 1 6  ? 10.911  13.596  -7.345  1.00 48.85  ? 6   DT  A P     1 
ATOM   106 O OP1   . DT  A 1 6  ? 12.205  14.352  -7.136  1.00 54.61  ? 6   DT  A OP1   1 
ATOM   107 O OP2   . DT  A 1 6  ? 9.620   14.257  -7.134  1.00 42.50  ? 6   DT  A OP2   1 
ATOM   108 O "O5'" . DT  A 1 6  ? 10.888  13.069  -8.838  1.00 40.08  ? 6   DT  A "O5'" 1 
ATOM   109 C "C5'" . DT  A 1 6  ? 10.120  13.723  -9.840  1.00 40.20  ? 6   DT  A "C5'" 1 
ATOM   110 C "C4'" . DT  A 1 6  ? 10.211  12.920  -11.111 1.00 43.55  ? 6   DT  A "C4'" 1 
ATOM   111 O "O4'" . DT  A 1 6  ? 11.591  12.659  -11.438 1.00 51.48  ? 6   DT  A "O4'" 1 
ATOM   112 C "C3'" . DT  A 1 6  ? 9.605   11.529  -10.972 1.00 43.92  ? 6   DT  A "C3'" 1 
ATOM   113 O "O3'" . DT  A 1 6  ? 8.197   11.637  -11.144 1.00 46.95  ? 6   DT  A "O3'" 1 
ATOM   114 C "C2'" . DT  A 1 6  ? 10.314  10.751  -12.073 1.00 47.26  ? 6   DT  A "C2'" 1 
ATOM   115 C "C1'" . DT  A 1 6  ? 11.718  11.346  -11.998 1.00 46.13  ? 6   DT  A "C1'" 1 
ATOM   116 N N1    . DT  A 1 6  ? 12.663  10.596  -11.165 1.00 34.63  ? 6   DT  A N1    1 
ATOM   117 C C2    . DT  A 1 6  ? 13.214  9.447   -11.690 1.00 31.26  ? 6   DT  A C2    1 
ATOM   118 O O2    . DT  A 1 6  ? 12.892  8.993   -12.774 1.00 37.40  ? 6   DT  A O2    1 
ATOM   119 N N3    . DT  A 1 6  ? 14.125  8.823   -10.875 1.00 39.81  ? 6   DT  A N3    1 
ATOM   120 C C4    . DT  A 1 6  ? 14.549  9.246   -9.633  1.00 34.30  ? 6   DT  A C4    1 
ATOM   121 O O4    . DT  A 1 6  ? 15.375  8.579   -9.011  1.00 48.38  ? 6   DT  A O4    1 
ATOM   122 C C5    . DT  A 1 6  ? 13.972  10.490  -9.172  1.00 31.81  ? 6   DT  A C5    1 
ATOM   123 C C7    . DT  A 1 6  ? 14.390  11.037  -7.848  1.00 35.54  ? 6   DT  A C7    1 
ATOM   124 C C6    . DT  A 1 6  ? 13.070  11.096  -9.953  1.00 32.48  ? 6   DT  A C6    1 
ATOM   125 P P     . DA  A 1 7  ? 7.244   10.650  -10.160 1.00 39.16  ? 7   DA  A P     1 
ATOM   126 O OP1   . DA  A 1 7  ? 5.900   11.117  -10.695 1.00 37.64  ? 7   DA  A OP1   1 
ATOM   127 O OP2   . DA  A 1 7  ? 7.744   10.807  -8.776  1.00 35.77  ? 7   DA  A OP2   1 
ATOM   128 O "O5'" . DA  A 1 7  ? 7.694   9.221   -10.680 1.00 42.14  ? 7   DA  A "O5'" 1 
ATOM   129 C "C5'" . DA  A 1 7  ? 7.333   8.702   -11.980 1.00 39.14  ? 7   DA  A "C5'" 1 
ATOM   130 C "C4'" . DA  A 1 7  ? 7.356   7.190   -11.901 1.00 35.59  ? 7   DA  A "C4'" 1 
ATOM   131 O "O4'" . DA  A 1 7  ? 8.699   6.700   -11.696 1.00 41.72  ? 7   DA  A "O4'" 1 
ATOM   132 C "C3'" . DA  A 1 7  ? 6.547   6.618   -10.736 1.00 35.41  ? 7   DA  A "C3'" 1 
ATOM   133 O "O3'" . DA  A 1 7  ? 5.950   5.438   -11.275 1.00 37.82  ? 7   DA  A "O3'" 1 
ATOM   134 C "C2'" . DA  A 1 7  ? 7.594   6.291   -9.685  1.00 38.49  ? 7   DA  A "C2'" 1 
ATOM   135 C "C1'" . DA  A 1 7  ? 8.784   5.897   -10.533 1.00 35.57  ? 7   DA  A "C1'" 1 
ATOM   136 N N9    . DA  A 1 7  ? 10.068  6.185   -9.923  1.00 37.69  ? 7   DA  A N9    1 
ATOM   137 C C8    . DA  A 1 7  ? 10.608  7.419   -9.640  1.00 35.50  ? 7   DA  A C8    1 
ATOM   138 N N7    . DA  A 1 7  ? 11.801  7.358   -9.103  1.00 37.30  ? 7   DA  A N7    1 
ATOM   139 C C5    . DA  A 1 7  ? 12.113  6.002   -9.127  1.00 38.92  ? 7   DA  A C5    1 
ATOM   140 C C6    . DA  A 1 7  ? 13.256  5.275   -8.716  1.00 42.96  ? 7   DA  A C6    1 
ATOM   141 N N6    . DA  A 1 7  ? 14.369  5.840   -8.224  1.00 43.13  ? 7   DA  A N6    1 
ATOM   142 N N1    . DA  A 1 7  ? 13.224  3.927   -8.847  1.00 36.75  ? 7   DA  A N1    1 
ATOM   143 C C2    . DA  A 1 7  ? 12.109  3.353   -9.330  1.00 37.13  ? 7   DA  A C2    1 
ATOM   144 N N3    . DA  A 1 7  ? 10.968  3.927   -9.732  1.00 38.92  ? 7   DA  A N3    1 
ATOM   145 C C4    . DA  A 1 7  ? 11.045  5.268   -9.621  1.00 42.06  ? 7   DA  A C4    1 
ATOM   146 P P     . DG  A 1 8  ? 4.543   5.486   -12.081 1.00 37.68  ? 8   DG  A P     1 
ATOM   147 O OP1   . DG  A 1 8  ? 4.418   4.267   -12.971 1.00 32.95  ? 8   DG  A OP1   1 
ATOM   148 O OP2   . DG  A 1 8  ? 4.240   6.884   -12.678 1.00 43.26  ? 8   DG  A OP2   1 
ATOM   149 O "O5'" . DG  A 1 8  ? 3.471   5.454   -10.893 1.00 34.53  ? 8   DG  A "O5'" 1 
ATOM   150 C "C5'" . DG  A 1 8  ? 3.281   4.226   -10.214 1.00 30.33  ? 8   DG  A "C5'" 1 
ATOM   151 C "C4'" . DG  A 1 8  ? 1.817   4.222   -9.855  1.00 25.40  ? 8   DG  A "C4'" 1 
ATOM   152 O "O4'" . DG  A 1 8  ? 1.578   2.933   -9.236  1.00 26.81  ? 8   DG  A "O4'" 1 
ATOM   153 C "C3'" . DG  A 1 8  ? 1.503   5.273   -8.792  1.00 27.42  ? 8   DG  A "C3'" 1 
ATOM   154 O "O3'" . DG  A 1 8  ? 0.235   5.830   -9.119  1.00 30.94  ? 8   DG  A "O3'" 1 
ATOM   155 C "C2'" . DG  A 1 8  ? 1.394   4.459   -7.498  1.00 28.77  ? 8   DG  A "C2'" 1 
ATOM   156 C "C1'" . DG  A 1 8  ? 0.932   3.099   -7.985  1.00 24.55  ? 8   DG  A "C1'" 1 
ATOM   157 N N9    . DG  A 1 8  ? 1.395   2.007   -7.085  1.00 19.22  ? 8   DG  A N9    1 
ATOM   158 C C8    . DG  A 1 8  ? 2.689   1.650   -6.792  1.00 20.58  ? 8   DG  A C8    1 
ATOM   159 N N7    . DG  A 1 8  ? 2.766   0.624   -5.973  1.00 21.61  ? 8   DG  A N7    1 
ATOM   160 C C5    . DG  A 1 8  ? 1.444   0.302   -5.711  1.00 18.37  ? 8   DG  A C5    1 
ATOM   161 C C6    . DG  A 1 8  ? 0.898   -0.719  -4.896  1.00 20.69  ? 8   DG  A C6    1 
ATOM   162 O O6    . DG  A 1 8  ? 1.505   -1.533  -4.235  1.00 16.95  ? 8   DG  A O6    1 
ATOM   163 N N1    . DG  A 1 8  ? -0.480  -0.657  -4.831  1.00 16.27  ? 8   DG  A N1    1 
ATOM   164 C C2    . DG  A 1 8  ? -1.253  0.234   -5.535  1.00 18.11  ? 8   DG  A C2    1 
ATOM   165 N N2    . DG  A 1 8  ? -2.566  0.115   -5.423  1.00 20.06  ? 8   DG  A N2    1 
ATOM   166 N N3    . DG  A 1 8  ? -0.758  1.146   -6.371  1.00 19.59  ? 8   DG  A N3    1 
ATOM   167 C C4    . DG  A 1 8  ? 0.586   1.150   -6.375  1.00 20.41  ? 8   DG  A C4    1 
ATOM   168 P P     . DG  A 1 9  ? -0.095  7.220   -8.242  1.00 37.43  ? 9   DG  A P     1 
ATOM   169 O OP1   . DG  A 1 9  ? -0.804  7.924   -9.362  1.00 50.51  ? 9   DG  A OP1   1 
ATOM   170 O OP2   . DG  A 1 9  ? 0.928   7.813   -7.359  1.00 33.73  ? 9   DG  A OP2   1 
ATOM   171 O "O5'" . DG  A 1 9  ? -1.240  6.762   -7.202  1.00 36.12  ? 9   DG  A "O5'" 1 
ATOM   172 C "C5'" . DG  A 1 9  ? -2.440  6.109   -7.694  1.00 30.13  ? 9   DG  A "C5'" 1 
ATOM   173 C "C4'" . DG  A 1 9  ? -3.341  5.880   -6.502  1.00 29.27  ? 9   DG  A "C4'" 1 
ATOM   174 O "O4'" . DG  A 1 9  ? -2.784  4.713   -5.865  1.00 27.05  ? 9   DG  A "O4'" 1 
ATOM   175 C "C3'" . DG  A 1 9  ? -3.234  6.983   -5.445  1.00 27.15  ? 9   DG  A "C3'" 1 
ATOM   176 O "O3'" . DG  A 1 9  ? -4.544  7.233   -4.930  1.00 29.83  ? 9   DG  A "O3'" 1 
ATOM   177 C "C2'" . DG  A 1 9  ? -2.392  6.365   -4.339  1.00 25.88  ? 9   DG  A "C2'" 1 
ATOM   178 C "C1'" . DG  A 1 9  ? -2.751  4.896   -4.506  1.00 22.54  ? 9   DG  A "C1'" 1 
ATOM   179 N N9    . DG  A 1 9  ? -1.719  3.988   -3.979  1.00 20.77  ? 9   DG  A N9    1 
ATOM   180 C C8    . DG  A 1 9  ? -0.364  4.064   -4.186  1.00 20.27  ? 9   DG  A C8    1 
ATOM   181 N N7    . DG  A 1 9  ? 0.306   3.132   -3.558  1.00 19.77  ? 9   DG  A N7    1 
ATOM   182 C C5    . DG  A 1 9  ? -0.682  2.336   -2.974  1.00 15.65  ? 9   DG  A C5    1 
ATOM   183 C C6    . DG  A 1 9  ? -0.554  1.189   -2.175  1.00 17.32  ? 9   DG  A C6    1 
ATOM   184 O O6    . DG  A 1 9  ? 0.489   0.588   -1.849  1.00 18.09  ? 9   DG  A O6    1 
ATOM   185 N N1    . DG  A 1 9  ? -1.790  0.736   -1.726  1.00 17.95  ? 9   DG  A N1    1 
ATOM   186 C C2    . DG  A 1 9  ? -2.999  1.345   -2.004  1.00 19.54  ? 9   DG  A C2    1 
ATOM   187 N N2    . DG  A 1 9  ? -4.092  0.784   -1.422  1.00 21.69  ? 9   DG  A N2    1 
ATOM   188 N N3    . DG  A 1 9  ? -3.127  2.422   -2.766  1.00 18.54  ? 9   DG  A N3    1 
ATOM   189 C C4    . DG  A 1 9  ? -1.933  2.882   -3.186  1.00 18.70  ? 9   DG  A C4    1 
ATOM   190 P P     . DG  A 1 10 ? -4.907  8.405   -3.859  1.00 30.78  ? 10  DG  A P     1 
ATOM   191 O OP1   . DG  A 1 10 ? -6.104  9.117   -4.466  1.00 34.39  ? 10  DG  A OP1   1 
ATOM   192 O OP2   . DG  A 1 10 ? -3.763  9.178   -3.407  1.00 30.41  ? 10  DG  A OP2   1 
ATOM   193 O "O5'" . DG  A 1 10 ? -5.494  7.584   -2.632  1.00 27.84  ? 10  DG  A "O5'" 1 
ATOM   194 C "C5'" . DG  A 1 10 ? -6.561  6.657   -2.871  1.00 26.24  ? 10  DG  A "C5'" 1 
ATOM   195 C "C4'" . DG  A 1 10 ? -7.022  6.122   -1.549  1.00 28.12  ? 10  DG  A "C4'" 1 
ATOM   196 O "O4'" . DG  A 1 10 ? -6.181  5.028   -1.132  1.00 30.26  ? 10  DG  A "O4'" 1 
ATOM   197 C "C3'" . DG  A 1 10 ? -7.020  7.124   -0.392  1.00 26.11  ? 10  DG  A "C3'" 1 
ATOM   198 O "O3'" . DG  A 1 10 ? -8.154  6.776   0.390   1.00 34.30  ? 10  DG  A "O3'" 1 
ATOM   199 C "C2'" . DG  A 1 10 ? -5.736  6.813   0.365   1.00 27.25  ? 10  DG  A "C2'" 1 
ATOM   200 C "C1'" . DG  A 1 10 ? -5.617  5.308   0.144   1.00 26.73  ? 10  DG  A "C1'" 1 
ATOM   201 N N9    . DG  A 1 10 ? -4.228  4.853   0.128   1.00 25.15  ? 10  DG  A N9    1 
ATOM   202 C C8    . DG  A 1 10 ? -3.166  5.375   -0.571  1.00 24.77  ? 10  DG  A C8    1 
ATOM   203 N N7    . DG  A 1 10 ? -2.058  4.699   -0.388  1.00 22.37  ? 10  DG  A N7    1 
ATOM   204 C C5    . DG  A 1 10 ? -2.438  3.608   0.379   1.00 19.12  ? 10  DG  A C5    1 
ATOM   205 C C6    . DG  A 1 10 ? -1.654  2.591   0.941   1.00 20.51  ? 10  DG  A C6    1 
ATOM   206 O O6    . DG  A 1 10 ? -0.452  2.383   0.788   1.00 20.71  ? 10  DG  A O6    1 
ATOM   207 N N1    . DG  A 1 10 ? -2.411  1.745   1.769   1.00 19.33  ? 10  DG  A N1    1 
ATOM   208 C C2    . DG  A 1 10 ? -3.764  1.863   1.985   1.00 23.85  ? 10  DG  A C2    1 
ATOM   209 N N2    . DG  A 1 10 ? -4.334  0.953   2.797   1.00 23.30  ? 10  DG  A N2    1 
ATOM   210 N N3    . DG  A 1 10 ? -4.491  2.878   1.531   1.00 21.59  ? 10  DG  A N3    1 
ATOM   211 C C4    . DG  A 1 10 ? -3.775  3.682   0.710   1.00 21.09  ? 10  DG  A C4    1 
ATOM   212 P P     . DT  A 1 11 ? -8.988  8.170   0.942   1.00 35.66  ? 11  DT  A P     1 
ATOM   213 O OP1   . DT  A 1 11 ? -8.091  9.180   1.527   1.00 38.83  ? 11  DT  A OP1   1 
ATOM   214 O OP2   . DT  A 1 11 ? -10.025 7.422   1.720   1.00 36.32  ? 11  DT  A OP2   1 
ATOM   215 O "O5'" . DT  A 1 11 ? -9.557  8.699   -0.441  1.00 33.87  ? 11  DT  A "O5'" 1 
ATOM   216 C "C5'" . DT  A 1 11 ? -10.510 7.919   -1.183  1.00 32.37  ? 11  DT  A "C5'" 1 
ATOM   217 C "C4'" . DT  A 1 11 ? -10.854 8.709   -2.420  1.00 36.82  ? 11  DT  A "C4'" 1 
ATOM   218 O "O4'" . DT  A 1 11 ? -9.763  8.633   -3.355  1.00 33.68  ? 11  DT  A "O4'" 1 
ATOM   219 C "C3'" . DT  A 1 11 ? -12.118 8.262   -3.179  1.00 32.80  ? 11  DT  A "C3'" 1 
ATOM   220 O "O3'" . DT  A 1 11 ? -12.976 9.405   -3.442  1.00 40.97  ? 11  DT  A "O3'" 1 
ATOM   221 C "C2'" . DT  A 1 11 ? -11.631 7.793   -4.537  1.00 29.83  ? 11  DT  A "C2'" 1 
ATOM   222 C "C1'" . DT  A 1 11 ? -10.278 8.483   -4.680  1.00 34.70  ? 11  DT  A "C1'" 1 
ATOM   223 N N1    . DT  A 1 11 ? -9.263  7.738   -5.463  1.00 33.34  ? 11  DT  A N1    1 
ATOM   224 C C2    . DT  A 1 11 ? -8.500  8.458   -6.352  1.00 41.53  ? 11  DT  A C2    1 
ATOM   225 O O2    . DT  A 1 11 ? -8.672  9.653   -6.555  1.00 45.39  ? 11  DT  A O2    1 
ATOM   226 N N3    . DT  A 1 11 ? -7.508  7.735   -6.978  1.00 41.77  ? 11  DT  A N3    1 
ATOM   227 C C4    . DT  A 1 11 ? -7.225  6.388   -6.801  1.00 45.85  ? 11  DT  A C4    1 
ATOM   228 O O4    . DT  A 1 11 ? -6.338  5.857   -7.470  1.00 45.52  ? 11  DT  A O4    1 
ATOM   229 C C5    . DT  A 1 11 ? -8.074  5.696   -5.846  1.00 36.58  ? 11  DT  A C5    1 
ATOM   230 C C7    . DT  A 1 11 ? -7.866  4.234   -5.605  1.00 38.59  ? 11  DT  A C7    1 
ATOM   231 C C6    . DT  A 1 11 ? -9.011  6.410   -5.206  1.00 35.22  ? 11  DT  A C6    1 
ATOM   232 P P     . DT  A 1 12 ? -14.455 9.325   -2.733  1.00 40.31  ? 12  DT  A P     1 
ATOM   233 O OP1   . DT  A 1 12 ? -15.133 10.600  -3.222  1.00 47.28  ? 12  DT  A OP1   1 
ATOM   234 O OP2   . DT  A 1 12 ? -14.454 8.939   -1.305  1.00 38.77  ? 12  DT  A OP2   1 
ATOM   235 O "O5'" . DT  A 1 12 ? -15.157 8.297   -3.716  1.00 39.74  ? 12  DT  A "O5'" 1 
ATOM   236 C "C5'" . DT  A 1 12 ? -16.408 7.634   -3.396  1.00 41.10  ? 12  DT  A "C5'" 1 
ATOM   237 C "C4'" . DT  A 1 12 ? -16.669 6.590   -4.452  1.00 41.97  ? 12  DT  A "C4'" 1 
ATOM   238 O "O4'" . DT  A 1 12 ? -16.778 7.280   -5.689  1.00 38.36  ? 12  DT  A "O4'" 1 
ATOM   239 C "C3'" . DT  A 1 12 ? -15.504 5.644   -4.707  1.00 38.87  ? 12  DT  A "C3'" 1 
ATOM   240 O "O3'" . DT  A 1 12 ? -15.518 4.600   -3.755  1.00 44.92  ? 12  DT  A "O3'" 1 
ATOM   241 C "C2'" . DT  A 1 12 ? -15.824 5.149   -6.093  1.00 40.55  ? 12  DT  A "C2'" 1 
ATOM   242 C "C1'" . DT  A 1 12 ? -16.305 6.435   -6.719  1.00 35.04  ? 12  DT  A "C1'" 1 
ATOM   243 N N1    . DT  A 1 12 ? -15.283 7.156   -7.436  1.00 29.42  ? 12  DT  A N1    1 
ATOM   244 C C2    . DT  A 1 12 ? -14.835 6.614   -8.606  1.00 29.52  ? 12  DT  A C2    1 
ATOM   245 O O2    . DT  A 1 12 ? -15.222 5.540   -9.030  1.00 36.39  ? 12  DT  A O2    1 
ATOM   246 N N3    . DT  A 1 12 ? -13.860 7.346   -9.241  1.00 31.50  ? 12  DT  A N3    1 
ATOM   247 C C4    . DT  A 1 12 ? -13.314 8.542   -8.821  1.00 28.21  ? 12  DT  A C4    1 
ATOM   248 O O4    . DT  A 1 12 ? -12.392 9.048   -9.464  1.00 35.99  ? 12  DT  A O4    1 
ATOM   249 C C5    . DT  A 1 12 ? -13.814 9.037   -7.553  1.00 28.68  ? 12  DT  A C5    1 
ATOM   250 C C7    . DT  A 1 12 ? -13.287 10.323  -7.008  1.00 34.04  ? 12  DT  A C7    1 
ATOM   251 C C6    . DT  A 1 12 ? -14.771 8.332   -6.940  1.00 28.11  ? 12  DT  A C6    1 
ATOM   252 P P     . DA  A 1 13 ? -14.102 4.018   -3.200  1.00 40.27  ? 13  DA  A P     1 
ATOM   253 O OP1   . DA  A 1 13 ? -14.699 3.086   -2.188  1.00 54.25  ? 13  DA  A OP1   1 
ATOM   254 O OP2   . DA  A 1 13 ? -13.114 5.061   -2.787  1.00 39.40  ? 13  DA  A OP2   1 
ATOM   255 O "O5'" . DA  A 1 13 ? -13.461 3.273   -4.456  1.00 41.85  ? 13  DA  A "O5'" 1 
ATOM   256 C "C5'" . DA  A 1 13 ? -14.161 2.188   -5.100  1.00 39.63  ? 13  DA  A "C5'" 1 
ATOM   257 C "C4'" . DA  A 1 13 ? -13.232 1.515   -6.072  1.00 38.82  ? 13  DA  A "C4'" 1 
ATOM   258 O "O4'" . DA  A 1 13 ? -12.865 2.459   -7.079  1.00 39.45  ? 13  DA  A "O4'" 1 
ATOM   259 C "C3'" . DA  A 1 13 ? -11.899 1.015   -5.495  1.00 40.00  ? 13  DA  A "C3'" 1 
ATOM   260 O "O3'" . DA  A 1 13 ? -11.471 -0.173  -6.239  1.00 50.12  ? 13  DA  A "O3'" 1 
ATOM   261 C "C2'" . DA  A 1 13 ? -10.927 2.136   -5.819  1.00 33.50  ? 13  DA  A "C2'" 1 
ATOM   262 C "C1'" . DA  A 1 13 ? -11.463 2.562   -7.172  1.00 36.84  ? 13  DA  A "C1'" 1 
ATOM   263 N N9    . DA  A 1 13 ? -11.176 3.928   -7.528  1.00 33.65  ? 13  DA  A N9    1 
ATOM   264 C C8    . DA  A 1 13 ? -11.810 5.052   -7.041  1.00 32.73  ? 13  DA  A C8    1 
ATOM   265 N N7    . DA  A 1 13 ? -11.363 6.168   -7.553  1.00 31.39  ? 13  DA  A N7    1 
ATOM   266 C C5    . DA  A 1 13 ? -10.338 5.760   -8.398  1.00 32.93  ? 13  DA  A C5    1 
ATOM   267 C C6    . DA  A 1 13 ? -9.486  6.474   -9.262  1.00 37.58  ? 13  DA  A C6    1 
ATOM   268 N N6    . DA  A 1 13 ? -9.515  7.806   -9.409  1.00 39.91  ? 13  DA  A N6    1 
ATOM   269 N N1    . DA  A 1 13 ? -8.580  5.765   -9.974  1.00 41.89  ? 13  DA  A N1    1 
ATOM   270 C C2    . DA  A 1 13 ? -8.588  4.426   -9.867  1.00 34.21  ? 13  DA  A C2    1 
ATOM   271 N N3    . DA  A 1 13 ? -9.359  3.641   -9.111  1.00 37.44  ? 13  DA  A N3    1 
ATOM   272 C C4    . DA  A 1 13 ? -10.206 4.384   -8.378  1.00 32.27  ? 13  DA  A C4    1 
ATOM   273 P P     . DG  A 1 14 ? -12.075 -1.702  -5.845  1.00 49.98  ? 14  DG  A P     1 
ATOM   274 O OP1   . DG  A 1 14 ? -11.957 -2.561  -7.058  1.00 49.58  ? 14  DG  A OP1   1 
ATOM   275 O OP2   . DG  A 1 14 ? -13.273 -1.785  -4.913  1.00 48.04  ? 14  DG  A OP2   1 
ATOM   276 O "O5'" . DG  A 1 14 ? -11.105 -2.069  -4.639  1.00 48.20  ? 14  DG  A "O5'" 1 
ATOM   277 C "C5'" . DG  A 1 14 ? -9.700  -2.172  -4.858  1.00 32.27  ? 14  DG  A "C5'" 1 
ATOM   278 C "C4'" . DG  A 1 14 ? -9.180  -2.877  -3.636  1.00 26.20  ? 14  DG  A "C4'" 1 
ATOM   279 O "O4'" . DG  A 1 14 ? -7.754  -3.123  -3.826  1.00 22.15  ? 14  DG  A "O4'" 1 
ATOM   280 C "C3'" . DG  A 1 14 ? -9.319  -2.088  -2.342  1.00 25.10  ? 14  DG  A "C3'" 1 
ATOM   281 O "O3'" . DG  A 1 14 ? -10.065 -2.945  -1.424  1.00 31.62  ? 14  DG  A "O3'" 1 
ATOM   282 C "C2'" . DG  A 1 14 ? -7.874  -1.825  -1.913  1.00 25.11  ? 14  DG  A "C2'" 1 
ATOM   283 C "C1'" . DG  A 1 14 ? -7.137  -2.985  -2.596  1.00 21.15  ? 14  DG  A "C1'" 1 
ATOM   284 N N9    . DG  A 1 14 ? -5.744  -2.615  -2.880  1.00 19.46  ? 14  DG  A N9    1 
ATOM   285 C C8    . DG  A 1 14 ? -5.276  -1.741  -3.828  1.00 20.22  ? 14  DG  A C8    1 
ATOM   286 N N7    . DG  A 1 14 ? -3.972  -1.710  -3.882  1.00 18.25  ? 14  DG  A N7    1 
ATOM   287 C C5    . DG  A 1 14 ? -3.578  -2.704  -3.001  1.00 17.59  ? 14  DG  A C5    1 
ATOM   288 C C6    . DG  A 1 14 ? -2.304  -3.183  -2.698  1.00 17.38  ? 14  DG  A C6    1 
ATOM   289 O O6    . DG  A 1 14 ? -1.223  -2.727  -3.103  1.00 15.69  ? 14  DG  A O6    1 
ATOM   290 N N1    . DG  A 1 14 ? -2.330  -4.174  -1.724  1.00 15.39  ? 14  DG  A N1    1 
ATOM   291 C C2    . DG  A 1 14 ? -3.490  -4.703  -1.178  1.00 19.45  ? 14  DG  A C2    1 
ATOM   292 N N2    . DG  A 1 14 ? -3.333  -5.718  -0.288  1.00 19.18  ? 14  DG  A N2    1 
ATOM   293 N N3    . DG  A 1 14 ? -4.699  -4.282  -1.503  1.00 18.38  ? 14  DG  A N3    1 
ATOM   294 C C4    . DG  A 1 14 ? -4.672  -3.313  -2.427  1.00 19.04  ? 14  DG  A C4    1 
ATOM   295 P P     . DG  A 1 15 ? -10.288 -2.349  0.053   1.00 33.10  ? 15  DG  A P     1 
ATOM   296 O OP1   . DG  A 1 15 ? -11.570 -3.145  0.424   1.00 37.17  ? 15  DG  A OP1   1 
ATOM   297 O OP2   . DG  A 1 15 ? -10.293 -0.893  0.301   1.00 31.97  ? 15  DG  A OP2   1 
ATOM   298 O "O5'" . DG  A 1 15 ? -9.227  -2.831  1.111   1.00 31.44  ? 15  DG  A "O5'" 1 
ATOM   299 C "C5'" . DG  A 1 15 ? -9.046  -4.224  1.358   1.00 26.65  ? 15  DG  A "C5'" 1 
ATOM   300 C "C4'" . DG  A 1 15 ? -8.087  -4.330  2.508   1.00 29.61  ? 15  DG  A "C4'" 1 
ATOM   301 O "O4'" . DG  A 1 15 ? -6.744  -4.169  1.976   1.00 31.13  ? 15  DG  A "O4'" 1 
ATOM   302 C "C3'" . DG  A 1 15 ? -8.228  -3.258  3.582   1.00 32.73  ? 15  DG  A "C3'" 1 
ATOM   303 O "O3'" . DG  A 1 15 ? -8.089  -3.880  4.850   1.00 32.11  ? 15  DG  A "O3'" 1 
ATOM   304 C "C2'" . DG  A 1 15 ? -7.014  -2.355  3.339   1.00 26.78  ? 15  DG  A "C2'" 1 
ATOM   305 C "C1'" . DG  A 1 15 ? -6.011  -3.352  2.827   1.00 22.69  ? 15  DG  A "C1'" 1 
ATOM   306 N N9    . DG  A 1 15 ? -4.990  -2.677  1.990   1.00 20.26  ? 15  DG  A N9    1 
ATOM   307 C C8    . DG  A 1 15 ? -5.204  -1.842  0.929   1.00 24.20  ? 15  DG  A C8    1 
ATOM   308 N N7    . DG  A 1 15 ? -4.088  -1.446  0.369   1.00 19.09  ? 15  DG  A N7    1 
ATOM   309 C C5    . DG  A 1 15 ? -3.100  -2.175  1.025   1.00 17.63  ? 15  DG  A C5    1 
ATOM   310 C C6    . DG  A 1 15 ? -1.740  -2.203  0.827   1.00 20.57  ? 15  DG  A C6    1 
ATOM   311 O O6    . DG  A 1 15 ? -1.091  -1.501  0.049   1.00 15.88  ? 15  DG  A O6    1 
ATOM   312 N N1    . DG  A 1 15 ? -1.097  -3.096  1.687   1.00 18.84  ? 15  DG  A N1    1 
ATOM   313 C C2    . DG  A 1 15 ? -1.718  -3.864  2.634   1.00 20.94  ? 15  DG  A C2    1 
ATOM   314 N N2    . DG  A 1 15 ? -0.915  -4.622  3.390   1.00 20.14  ? 15  DG  A N2    1 
ATOM   315 N N3    . DG  A 1 15 ? -3.028  -3.860  2.807   1.00 20.53  ? 15  DG  A N3    1 
ATOM   316 C C4    . DG  A 1 15 ? -3.648  -2.996  1.980   1.00 20.78  ? 15  DG  A C4    1 
ATOM   317 P P     . DG  A 1 16 ? -8.178  -3.156  6.238   1.00 35.70  ? 16  DG  A P     1 
ATOM   318 O OP1   . DG  A 1 16 ? -9.219  -4.082  6.881   1.00 47.70  ? 16  DG  A OP1   1 
ATOM   319 O OP2   . DG  A 1 16 ? -8.451  -1.697  6.249   1.00 37.10  ? 16  DG  A OP2   1 
ATOM   320 O "O5'" . DG  A 1 16 ? -6.793  -3.456  6.974   1.00 33.18  ? 16  DG  A "O5'" 1 
ATOM   321 C "C5'" . DG  A 1 16 ? -6.249  -4.785  7.023   1.00 28.77  ? 16  DG  A "C5'" 1 
ATOM   322 C "C4'" . DG  A 1 16 ? -4.960  -4.755  7.800   1.00 29.71  ? 16  DG  A "C4'" 1 
ATOM   323 O "O4'" . DG  A 1 16 ? -4.023  -4.176  6.851   1.00 28.86  ? 16  DG  A "O4'" 1 
ATOM   324 C "C3'" . DG  A 1 16 ? -4.939  -3.815  9.002   1.00 28.53  ? 16  DG  A "C3'" 1 
ATOM   325 O "O3'" . DG  A 1 16 ? -4.120  -4.407  10.014  1.00 33.54  ? 16  DG  A "O3'" 1 
ATOM   326 C "C2'" . DG  A 1 16 ? -4.238  -2.569  8.473   1.00 29.16  ? 16  DG  A "C2'" 1 
ATOM   327 C "C1'" . DG  A 1 16 ? -3.294  -3.159  7.447   1.00 26.88  ? 16  DG  A "C1'" 1 
ATOM   328 N N9    . DG  A 1 16 ? -2.913  -2.267  6.353   1.00 21.42  ? 16  DG  A N9    1 
ATOM   329 C C8    . DG  A 1 16 ? -3.769  -1.666  5.466   1.00 20.73  ? 16  DG  A C8    1 
ATOM   330 N N7    . DG  A 1 16 ? -3.145  -0.979  4.540   1.00 21.75  ? 16  DG  A N7    1 
ATOM   331 C C5    . DG  A 1 16 ? -1.810  -1.269  4.742   1.00 19.69  ? 16  DG  A C5    1 
ATOM   332 C C6    . DG  A 1 16 ? -0.673  -0.775  4.072   1.00 19.20  ? 16  DG  A C6    1 
ATOM   333 O O6    . DG  A 1 16 ? -0.638  -0.076  3.058   1.00 20.26  ? 16  DG  A O6    1 
ATOM   334 N N1    . DG  A 1 16 ? 0.498   -1.308  4.598   1.00 20.16  ? 16  DG  A N1    1 
ATOM   335 C C2    . DG  A 1 16 ? 0.570   -2.142  5.695   1.00 22.23  ? 16  DG  A C2    1 
ATOM   336 N N2    . DG  A 1 16 ? 1.800   -2.511  6.104   1.00 24.03  ? 16  DG  A N2    1 
ATOM   337 N N3    . DG  A 1 16 ? -0.491  -2.530  6.391   1.00 22.33  ? 16  DG  A N3    1 
ATOM   338 C C4    . DG  A 1 16 ? -1.637  -2.052  5.862   1.00 21.48  ? 16  DG  A C4    1 
ATOM   339 P P     . DT  A 1 17 ? -4.658  -4.309  11.587  1.00 41.98  ? 17  DT  A P     1 
ATOM   340 O OP1   . DT  A 1 17 ? -5.074  -2.943  12.024  1.00 40.18  ? 17  DT  A OP1   1 
ATOM   341 O OP2   . DT  A 1 17 ? -3.673  -5.134  12.318  1.00 46.02  ? 17  DT  A OP2   1 
ATOM   342 O "O5'" . DT  A 1 17 ? -6.091  -5.003  11.508  1.00 41.39  ? 17  DT  A "O5'" 1 
ATOM   343 C "C5'" . DT  A 1 17 ? -6.160  -6.428  11.462  1.00 39.17  ? 17  DT  A "C5'" 1 
ATOM   344 C "C4'" . DT  A 1 17 ? -7.607  -6.795  11.288  1.00 38.49  ? 17  DT  A "C4'" 1 
ATOM   345 O "O4'" . DT  A 1 17 ? -8.096  -6.389  10.000  1.00 37.76  ? 17  DT  A "O4'" 1 
ATOM   346 C "C3'" . DT  A 1 17 ? -7.954  -8.282  11.440  1.00 43.46  ? 17  DT  A "C3'" 1 
ATOM   347 O "O3'" . DT  A 1 17 ? -9.006  -8.328  12.431  1.00 50.97  ? 17  DT  A "O3'" 1 
ATOM   348 C "C2'" . DT  A 1 17 ? -8.494  -8.685  10.073  1.00 34.68  ? 17  DT  A "C2'" 1 
ATOM   349 C "C1'" . DT  A 1 17 ? -9.032  -7.366  9.569   1.00 38.12  ? 17  DT  A "C1'" 1 
ATOM   350 N N1    . DT  A 1 17 ? -9.140  -7.267  8.131   1.00 38.03  ? 17  DT  A N1    1 
ATOM   351 C C2    . DT  A 1 17 ? -10.349 -6.841  7.633   1.00 41.45  ? 17  DT  A C2    1 
ATOM   352 O O2    . DT  A 1 17 ? -11.312 -6.603  8.350   1.00 45.61  ? 17  DT  A O2    1 
ATOM   353 N N3    . DT  A 1 17 ? -10.408 -6.740  6.263   1.00 37.04  ? 17  DT  A N3    1 
ATOM   354 C C4    . DT  A 1 17 ? -9.395  -7.029  5.361   1.00 38.89  ? 17  DT  A C4    1 
ATOM   355 O O4    . DT  A 1 17 ? -9.613  -6.944  4.148   1.00 36.03  ? 17  DT  A O4    1 
ATOM   356 C C5    . DT  A 1 17 ? -8.130  -7.430  5.961   1.00 36.72  ? 17  DT  A C5    1 
ATOM   357 C C7    . DT  A 1 17 ? -6.973  -7.774  5.074   1.00 35.37  ? 17  DT  A C7    1 
ATOM   358 C C6    . DT  A 1 17 ? -8.077  -7.553  7.296   1.00 39.82  ? 17  DT  A C6    1 
ATOM   359 P P     . DT  A 1 18 ? -8.736  -9.266  13.709  1.00 48.94  ? 18  DT  A P     1 
ATOM   360 O OP1   . DT  A 1 18 ? -9.981  -9.081  14.537  1.00 52.99  ? 18  DT  A OP1   1 
ATOM   361 O OP2   . DT  A 1 18 ? -7.407  -9.198  14.359  1.00 46.18  ? 18  DT  A OP2   1 
ATOM   362 O "O5'" . DT  A 1 18 ? -8.810  -10.694 13.011  1.00 42.50  ? 18  DT  A "O5'" 1 
ATOM   363 C "C5'" . DT  A 1 18 ? -8.072  -11.796 13.570  1.00 44.24  ? 18  DT  A "C5'" 1 
ATOM   364 C "C4'" . DT  A 1 18 ? -8.171  -12.972 12.631  1.00 41.67  ? 18  DT  A "C4'" 1 
ATOM   365 O "O4'" . DT  A 1 18 ? -9.559  -13.273 12.386  1.00 45.08  ? 18  DT  A "O4'" 1 
ATOM   366 C "C3'" . DT  A 1 18 ? -7.619  -12.655 11.240  1.00 40.03  ? 18  DT  A "C3'" 1 
ATOM   367 O "O3'" . DT  A 1 18 ? -6.222  -12.937 11.233  1.00 38.91  ? 18  DT  A "O3'" 1 
ATOM   368 C "C2'" . DT  A 1 18 ? -8.349  -13.661 10.380  1.00 39.87  ? 18  DT  A "C2'" 1 
ATOM   369 C "C1'" . DT  A 1 18 ? -9.725  -13.661 11.029  1.00 36.82  ? 18  DT  A "C1'" 1 
ATOM   370 N N1    . DT  A 1 18 ? -10.675 -12.740 10.402  1.00 35.92  ? 18  DT  A N1    1 
ATOM   371 C C2    . DT  A 1 18 ? -11.203 -13.200 9.223   1.00 37.58  ? 18  DT  A C2    1 
ATOM   372 O O2    . DT  A 1 18 ? -10.888 -14.268 8.739   1.00 40.91  ? 18  DT  A O2    1 
ATOM   373 N N3    . DT  A 1 18 ? -12.114 -12.365 8.634   1.00 36.74  ? 18  DT  A N3    1 
ATOM   374 C C4    . DT  A 1 18 ? -12.558 -11.148 9.116   1.00 32.06  ? 18  DT  A C4    1 
ATOM   375 O O4    . DT  A 1 18 ? -13.376 -10.501 8.467   1.00 41.43  ? 18  DT  A O4    1 
ATOM   376 C C5    . DT  A 1 18 ? -11.950 -10.715 10.361  1.00 30.16  ? 18  DT  A C5    1 
ATOM   377 C C7    . DT  A 1 18 ? -12.366 -9.409  10.957  1.00 33.42  ? 18  DT  A C7    1 
ATOM   378 C C6    . DT  A 1 18 ? -11.054 -11.524 10.935  1.00 33.22  ? 18  DT  A C6    1 
ATOM   379 P P     . DA  A 1 19 ? -5.209  -11.843 10.367  1.00 38.74  ? 19  DA  A P     1 
ATOM   380 O OP1   . DA  A 1 19 ? -3.865  -12.463 10.670  1.00 43.00  ? 19  DA  A OP1   1 
ATOM   381 O OP2   . DA  A 1 19 ? -5.618  -10.463 10.778  1.00 32.81  ? 19  DA  A OP2   1 
ATOM   382 O "O5'" . DA  A 1 19 ? -5.780  -12.208 8.939   1.00 32.78  ? 19  DA  A "O5'" 1 
ATOM   383 C "C5'" . DA  A 1 19 ? -5.417  -13.420 8.295   1.00 33.01  ? 19  DA  A "C5'" 1 
ATOM   384 C "C4'" . DA  A 1 19 ? -5.451  -13.216 6.801   1.00 33.49  ? 19  DA  A "C4'" 1 
ATOM   385 O "O4'" . DA  A 1 19 ? -6.769  -12.975 6.279   1.00 37.40  ? 19  DA  A "O4'" 1 
ATOM   386 C "C3'" . DA  A 1 19 ? -4.607  -12.029 6.312   1.00 28.16  ? 19  DA  A "C3'" 1 
ATOM   387 O "O3'" . DA  A 1 19 ? -4.134  -12.498 5.041   1.00 34.12  ? 19  DA  A "O3'" 1 
ATOM   388 C "C2'" . DA  A 1 19 ? -5.625  -10.918 6.155   1.00 29.84  ? 19  DA  A "C2'" 1 
ATOM   389 C "C1'" . DA  A 1 19 ? -6.859  -11.690 5.677   1.00 35.13  ? 19  DA  A "C1'" 1 
ATOM   390 N N9    . DA  A 1 19 ? -8.147  -11.114 6.079   1.00 31.20  ? 19  DA  A N9    1 
ATOM   391 C C8    . DA  A 1 19 ? -8.656  -10.983 7.351   1.00 31.78  ? 19  DA  A C8    1 
ATOM   392 N N7    . DA  A 1 19 ? -9.834  -10.406 7.386   1.00 33.62  ? 19  DA  A N7    1 
ATOM   393 C C5    . DA  A 1 19 ? -10.175 -10.254 6.052   1.00 32.45  ? 19  DA  A C5    1 
ATOM   394 C C6    . DA  A 1 19 ? -11.305 -9.690  5.419   1.00 36.02  ? 19  DA  A C6    1 
ATOM   395 N N6    . DA  A 1 19 ? -12.383 -9.255  6.080   1.00 41.28  ? 19  DA  A N6    1 
ATOM   396 N N1    . DA  A 1 19 ? -11.298 -9.608  4.062   1.00 33.92  ? 19  DA  A N1    1 
ATOM   397 C C2    . DA  A 1 19 ? -10.222 -10.076 3.395   1.00 37.57  ? 19  DA  A C2    1 
ATOM   398 N N3    . DA  A 1 19 ? -9.100  -10.624 3.883   1.00 34.77  ? 19  DA  A N3    1 
ATOM   399 C C4    . DA  A 1 19 ? -9.135  -10.671 5.232   1.00 35.55  ? 19  DA  A C4    1 
ATOM   400 P P     . DG  A 1 20 ? -2.746  -13.346 4.913   1.00 36.08  ? 20  DG  A P     1 
ATOM   401 O OP1   . DG  A 1 20 ? -2.735  -14.147 3.656   1.00 33.14  ? 20  DG  A OP1   1 
ATOM   402 O OP2   . DG  A 1 20 ? -2.465  -14.053 6.244   1.00 37.03  ? 20  DG  A OP2   1 
ATOM   403 O "O5'" . DG  A 1 20 ? -1.619  -12.203 4.976   1.00 34.55  ? 20  DG  A "O5'" 1 
ATOM   404 C "C5'" . DG  A 1 20 ? -1.469  -11.397 3.795   1.00 26.99  ? 20  DG  A "C5'" 1 
ATOM   405 C "C4'" . DG  A 1 20 ? -0.019  -11.007 3.765   1.00 21.15  ? 20  DG  A "C4'" 1 
ATOM   406 O "O4'" . DG  A 1 20 ? 0.187   -10.224 2.538   1.00 23.63  ? 20  DG  A "O4'" 1 
ATOM   407 C "C3'" . DG  A 1 20 ? 0.410   -10.131 4.922   1.00 21.61  ? 20  DG  A "C3'" 1 
ATOM   408 O "O3'" . DG  A 1 20 ? 1.691   -10.520 5.482   1.00 25.48  ? 20  DG  A "O3'" 1 
ATOM   409 C "C2'" . DG  A 1 20 ? 0.585   -8.731  4.288   1.00 24.10  ? 20  DG  A "C2'" 1 
ATOM   410 C "C1'" . DG  A 1 20 ? 0.923   -9.071  2.852   1.00 24.01  ? 20  DG  A "C1'" 1 
ATOM   411 N N9    . DG  A 1 20 ? 0.525   -8.053  1.891   1.00 19.65  ? 20  DG  A N9    1 
ATOM   412 C C8    . DG  A 1 20 ? -0.771  -7.684  1.584   1.00 19.95  ? 20  DG  A C8    1 
ATOM   413 N N7    . DG  A 1 20 ? -0.830  -6.756  0.656   1.00 19.17  ? 20  DG  A N7    1 
ATOM   414 C C5    . DG  A 1 20 ? 0.494   -6.512  0.323   1.00 18.68  ? 20  DG  A C5    1 
ATOM   415 C C6    . DG  A 1 20 ? 1.046   -5.546  -0.557  1.00 17.23  ? 20  DG  A C6    1 
ATOM   416 O O6    . DG  A 1 20 ? 0.440   -4.784  -1.322  1.00 15.52  ? 20  DG  A O6    1 
ATOM   417 N N1    . DG  A 1 20 ? 2.436   -5.602  -0.585  1.00 17.20  ? 20  DG  A N1    1 
ATOM   418 C C2    . DG  A 1 20 ? 3.207   -6.442  0.182   1.00 19.97  ? 20  DG  A C2    1 
ATOM   419 N N2    . DG  A 1 20 ? 4.539   -6.384  0.008   1.00 18.40  ? 20  DG  A N2    1 
ATOM   420 N N3    . DG  A 1 20 ? 2.699   -7.322  1.042   1.00 17.10  ? 20  DG  A N3    1 
ATOM   421 C C4    . DG  A 1 20 ? 1.348   -7.303  1.058   1.00 18.24  ? 20  DG  A C4    1 
ATOM   422 P P     . DG  A 1 21 ? 2.319   -9.873  6.783   1.00 30.00  ? 21  DG  A P     1 
ATOM   423 O OP1   . DG  A 1 21 ? 3.074   -10.979 7.454   1.00 33.21  ? 21  DG  A OP1   1 
ATOM   424 O OP2   . DG  A 1 21 ? 1.355   -8.995  7.557   1.00 29.92  ? 21  DG  A OP2   1 
ATOM   425 O "O5'" . DG  A 1 21 ? 3.439   -8.873  6.241   1.00 27.63  ? 21  DG  A "O5'" 1 
ATOM   426 C "C5'" . DG  A 1 21 ? 4.523   -9.401  5.576   1.00 24.02  ? 21  DG  A "C5'" 1 
ATOM   427 C "C4'" . DG  A 1 21 ? 5.473   -8.248  5.387   1.00 24.99  ? 21  DG  A "C4'" 1 
ATOM   428 O "O4'" . DG  A 1 21 ? 4.942   -7.393  4.356   1.00 25.98  ? 21  DG  A "O4'" 1 
ATOM   429 C "C3'" . DG  A 1 21 ? 5.635   -7.359  6.596   1.00 26.34  ? 21  DG  A "C3'" 1 
ATOM   430 O "O3'" . DG  A 1 21 ? 7.052   -7.140  6.682   1.00 33.28  ? 21  DG  A "O3'" 1 
ATOM   431 C "C2'" . DG  A 1 21 ? 4.839   -6.088  6.258   1.00 29.07  ? 21  DG  A "C2'" 1 
ATOM   432 C "C1'" . DG  A 1 21 ? 4.998   -6.036  4.758   1.00 26.62  ? 21  DG  A "C1'" 1 
ATOM   433 N N9    . DG  A 1 21 ? 3.979   -5.314  3.982   1.00 21.54  ? 21  DG  A N9    1 
ATOM   434 C C8    . DG  A 1 21 ? 2.627   -5.439  4.133   1.00 20.86  ? 21  DG  A C8    1 
ATOM   435 N N7    . DG  A 1 21 ? 1.943   -4.722  3.291   1.00 20.03  ? 21  DG  A N7    1 
ATOM   436 C C5    . DG  A 1 21 ? 2.912   -4.029  2.565   1.00 16.92  ? 21  DG  A C5    1 
ATOM   437 C C6    . DG  A 1 21 ? 2.768   -3.080  1.551   1.00 16.78  ? 21  DG  A C6    1 
ATOM   438 O O6    . DG  A 1 21 ? 1.722   -2.654  1.042   1.00 17.28  ? 21  DG  A O6    1 
ATOM   439 N N1    . DG  A 1 21 ? 4.017   -2.662  1.053   1.00 18.02  ? 21  DG  A N1    1 
ATOM   440 C C2    . DG  A 1 21 ? 5.223   -3.012  1.610   1.00 18.59  ? 21  DG  A C2    1 
ATOM   441 N N2    . DG  A 1 21 ? 6.310   -2.497  1.003   1.00 19.26  ? 21  DG  A N2    1 
ATOM   442 N N3    . DG  A 1 21 ? 5.368   -3.957  2.508   1.00 22.45  ? 21  DG  A N3    1 
ATOM   443 C C4    . DG  A 1 21 ? 4.177   -4.398  2.970   1.00 17.97  ? 21  DG  A C4    1 
ATOM   444 P P     . DG  A 1 22 ? 7.679   -6.166  7.808   1.00 35.02  ? 22  DG  A P     1 
ATOM   445 O OP1   . DG  A 1 22 ? 9.002   -6.862  8.197   1.00 37.57  ? 22  DG  A OP1   1 
ATOM   446 O OP2   . DG  A 1 22 ? 6.754   -5.767  8.900   1.00 33.49  ? 22  DG  A OP2   1 
ATOM   447 O "O5'" . DG  A 1 22 ? 8.139   -4.837  7.064   1.00 35.50  ? 22  DG  A "O5'" 1 
ATOM   448 C "C5'" . DG  A 1 22 ? 9.129   -4.866  6.036   1.00 30.29  ? 22  DG  A "C5'" 1 
ATOM   449 C "C4'" . DG  A 1 22 ? 9.497   -3.442  5.723   1.00 31.64  ? 22  DG  A "C4'" 1 
ATOM   450 O "O4'" . DG  A 1 22 ? 8.395   -2.900  4.962   1.00 28.52  ? 22  DG  A "O4'" 1 
ATOM   451 C "C3'" . DG  A 1 22 ? 9.651   -2.544  6.955   1.00 31.86  ? 22  DG  A "C3'" 1 
ATOM   452 O "O3'" . DG  A 1 22 ? 10.689  -1.615  6.620   1.00 38.32  ? 22  DG  A "O3'" 1 
ATOM   453 C "C2'" . DG  A 1 22 ? 8.371   -1.723  7.006   1.00 30.50  ? 22  DG  A "C2'" 1 
ATOM   454 C "C1'" . DG  A 1 22 ? 8.000   -1.651  5.557   1.00 25.02  ? 22  DG  A "C1'" 1 
ATOM   455 N N9    . DG  A 1 22 ? 6.569   -1.469  5.259   1.00 25.41  ? 22  DG  A N9    1 
ATOM   456 C C8    . DG  A 1 22 ? 5.495   -2.185  5.747   1.00 25.07  ? 22  DG  A C8    1 
ATOM   457 N N7    . DG  A 1 22 ? 4.361   -1.830  5.198   1.00 22.37  ? 22  DG  A N7    1 
ATOM   458 C C5    . DG  A 1 22 ? 4.734   -0.923  4.216   1.00 20.72  ? 22  DG  A C5    1 
ATOM   459 C C6    . DG  A 1 22 ? 3.949   -0.193  3.318   1.00 21.01  ? 22  DG  A C6    1 
ATOM   460 O O6    . DG  A 1 22 ? 2.760   -0.250  3.155   1.00 19.74  ? 22  DG  A O6    1 
ATOM   461 N N1    . DG  A 1 22 ? 4.718   0.657   2.521   1.00 19.93  ? 22  DG  A N1    1 
ATOM   462 C C2    . DG  A 1 22 ? 6.069   0.822   2.629   1.00 24.60  ? 22  DG  A C2    1 
ATOM   463 N N2    . DG  A 1 22 ? 6.630   1.708   1.784   1.00 26.50  ? 22  DG  A N2    1 
ATOM   464 N N3    . DG  A 1 22 ? 6.823   0.152   3.483   1.00 25.17  ? 22  DG  A N3    1 
ATOM   465 C C4    . DG  A 1 22 ? 6.093   -0.707  4.234   1.00 22.94  ? 22  DG  A C4    1 
HETATM 466 K K     . K   B 2 .  ? 1.029   -2.046  -1.524  1.00 17.51  ? 101 K   A K     1 
HETATM 467 K K     . K   C 2 .  ? 1.109   0.190   0.991   1.00 18.86  ? 102 K   A K     1 
HETATM 468 K K     . K   D 2 .  ? 1.024   -4.111  -3.689  0.76 19.34  ? 103 K   A K     1 
HETATM 469 C C1    . MMP E 3 .  ? 1.256   2.776   3.614   1.00 31.38  ? 104 MMP A C1    1 
HETATM 470 N N1    . MMP E 3 .  ? 0.696   4.153   3.731   1.00 36.40  ? 104 MMP A N1    1 
HETATM 471 C C11   . MMP E 3 .  ? 1.271   5.308   3.151   1.00 31.20  ? 104 MMP A C11   1 
HETATM 472 C C12   . MMP E 3 .  ? 0.279   6.275   2.774   1.00 34.88  ? 104 MMP A C12   1 
HETATM 473 C C13   . MMP E 3 .  ? -1.013  5.769   3.247   1.00 34.98  ? 104 MMP A C13   1 
HETATM 474 C C14   . MMP E 3 .  ? -0.670  4.480   3.918   1.00 31.22  ? 104 MMP A C14   1 
HETATM 475 C C15   . MMP E 3 .  ? -1.652  3.694   4.576   1.00 28.62  ? 104 MMP A C15   1 
HETATM 476 C C16   . MMP E 3 .  ? 0.507   7.566   2.032   1.00 37.37  ? 104 MMP A C16   1 
HETATM 477 C C17   . MMP E 3 .  ? -2.374  6.468   3.057   1.00 38.88  ? 104 MMP A C17   1 
HETATM 478 C C18   . MMP E 3 .  ? -3.640  5.850   3.598   1.00 42.15  ? 104 MMP A C18   1 
HETATM 479 N N2    . MMP E 3 .  ? -0.150  2.346   6.031   1.00 30.72  ? 104 MMP A N2    1 
HETATM 480 C C21   . MMP E 3 .  ? -1.392  2.775   5.635   1.00 26.91  ? 104 MMP A C21   1 
HETATM 481 C C22   . MMP E 3 .  ? -2.477  2.118   6.301   1.00 32.09  ? 104 MMP A C22   1 
HETATM 482 C C23   . MMP E 3 .  ? -1.810  1.273   7.225   1.00 30.60  ? 104 MMP A C23   1 
HETATM 483 C C24   . MMP E 3 .  ? -0.367  1.465   6.996   1.00 29.66  ? 104 MMP A C24   1 
HETATM 484 C C25   . MMP E 3 .  ? 0.710   0.841   7.649   1.00 28.02  ? 104 MMP A C25   1 
HETATM 485 C C26   . MMP E 3 .  ? -3.938  2.324   6.078   1.00 37.65  ? 104 MMP A C26   1 
HETATM 486 C C27   . MMP E 3 .  ? -2.478  0.359   8.214   1.00 37.59  ? 104 MMP A C27   1 
HETATM 487 C C28   . MMP E 3 .  ? -2.695  1.208   9.453   1.00 45.86  ? 104 MMP A C28   1 
HETATM 488 N N3    . MMP E 3 .  ? 2.629   1.977   6.389   1.00 31.85  ? 104 MMP A N3    1 
HETATM 489 C C31   . MMP E 3 .  ? 2.134   1.142   7.350   1.00 27.45  ? 104 MMP A C31   1 
HETATM 490 C C32   . MMP E 3 .  ? 3.144   0.430   8.113   1.00 35.40  ? 104 MMP A C32   1 
HETATM 491 C C33   . MMP E 3 .  ? 4.387   0.909   7.556   1.00 34.24  ? 104 MMP A C33   1 
HETATM 492 C C34   . MMP E 3 .  ? 3.979   1.846   6.577   1.00 32.80  ? 104 MMP A C34   1 
HETATM 493 C C35   . MMP E 3 .  ? 5.088   2.492   5.866   1.00 32.49  ? 104 MMP A C35   1 
HETATM 494 C C36   . MMP E 3 .  ? 2.994   -0.565  9.197   1.00 40.97  ? 104 MMP A C36   1 
HETATM 495 C C37   . MMP E 3 .  ? 5.787   0.571   7.944   1.00 44.13  ? 104 MMP A C37   1 
HETATM 496 C C38   . MMP E 3 .  ? 6.058   1.616   9.019   1.00 70.92  ? 104 MMP A C38   1 
HETATM 497 C C39   . MMP E 3 .  ? 7.256   1.197   9.806   1.00 99.99  ? 104 MMP A C39   1 
HETATM 498 O O31   . MMP E 3 .  ? 8.346   1.757   9.482   1.00 99.86  ? 104 MMP A O31   1 
HETATM 499 O O32   . MMP E 3 .  ? 7.060   0.321   10.707  1.00 116.65 ? 104 MMP A O32   1 
HETATM 500 N N4    . MMP E 3 .  ? 3.533   3.719   4.621   1.00 32.89  ? 104 MMP A N4    1 
HETATM 501 C C41   . MMP E 3 .  ? 4.823   3.489   4.886   1.00 33.26  ? 104 MMP A C41   1 
HETATM 502 C C42   . MMP E 3 .  ? 5.844   4.369   4.202   1.00 39.30  ? 104 MMP A C42   1 
HETATM 503 C C43   . MMP E 3 .  ? 5.003   5.238   3.412   1.00 38.14  ? 104 MMP A C43   1 
HETATM 504 C C44   . MMP E 3 .  ? 3.651   4.762   3.714   1.00 30.59  ? 104 MMP A C44   1 
HETATM 505 C C45   . MMP E 3 .  ? 2.631   5.494   2.966   1.00 33.17  ? 104 MMP A C45   1 
HETATM 506 C C46   . MMP E 3 .  ? 5.401   6.403   2.499   1.00 43.29  ? 104 MMP A C46   1 
HETATM 507 C C47   . MMP E 3 .  ? 7.372   4.520   4.261   1.00 54.80  ? 104 MMP A C47   1 
HETATM 508 C C48   . MMP E 3 .  ? 8.175   3.405   3.567   1.00 72.47  ? 104 MMP A C48   1 
HETATM 509 C C49   . MMP E 3 .  ? 9.028   3.507   2.251   1.00 68.93  ? 104 MMP A C49   1 
HETATM 510 O O41   . MMP E 3 .  ? 9.526   2.334   1.990   1.00 41.42  ? 104 MMP A O41   1 
HETATM 511 O O42   . MMP E 3 .  ? 9.184   4.588   1.495   1.00 51.68  ? 104 MMP A O42   1 
HETATM 512 O O     . HOH F 4 .  ? 10.269  -0.249  0.767   1.00 38.93  ? 201 HOH A O     1 
HETATM 513 O O     . HOH F 4 .  ? -3.405  -8.564  4.097   1.00 40.71  ? 202 HOH A O     1 
HETATM 514 O O     . HOH F 4 .  ? 1.072   -6.382  6.906   1.00 34.75  ? 203 HOH A O     1 
HETATM 515 O O     . HOH F 4 .  ? -7.796  0.586   0.779   1.00 37.90  ? 204 HOH A O     1 
HETATM 516 O O     . HOH F 4 .  ? 5.172   -3.564  8.714   1.00 37.06  ? 205 HOH A O     1 
HETATM 517 O O     . HOH F 4 .  ? 14.616  7.493   -14.905 0.50 26.32  ? 206 HOH A O     1 
HETATM 518 O O     . HOH F 4 .  ? 6.600   2.713   -5.548  1.00 35.60  ? 207 HOH A O     1 
HETATM 519 O O     . HOH F 4 .  ? -6.828  2.121   -1.446  1.00 32.15  ? 208 HOH A O     1 
HETATM 520 O O     . HOH F 4 .  ? 1.783   6.595   -4.624  1.00 37.50  ? 209 HOH A O     1 
HETATM 521 O O     . HOH F 4 .  ? 4.336   5.484   -4.855  1.00 32.94  ? 210 HOH A O     1 
HETATM 522 O O     . HOH F 4 .  ? 2.351   -4.328  8.400   1.00 34.62  ? 211 HOH A O     1 
HETATM 523 O O     . HOH F 4 .  ? 5.557   2.093   -12.165 1.00 37.29  ? 212 HOH A O     1 
HETATM 524 O O     . HOH F 4 .  ? -5.162  -8.458  8.871   1.00 36.53  ? 213 HOH A O     1 
HETATM 525 O O     . HOH F 4 .  ? 9.127   -2.907  2.042   1.00 31.57  ? 214 HOH A O     1 
HETATM 526 O O     . HOH F 4 .  ? 7.462   -5.851  1.986   1.00 42.62  ? 215 HOH A O     1 
HETATM 527 O O     . HOH F 4 .  ? -8.967  -3.489  9.875   1.00 43.04  ? 216 HOH A O     1 
HETATM 528 O O     . HOH F 4 .  ? -4.246  -10.027 2.213   1.00 41.71  ? 217 HOH A O     1 
HETATM 529 O O     . HOH F 4 .  ? 0.321   8.150   -2.516  1.00 36.96  ? 218 HOH A O     1 
HETATM 530 O O     . HOH F 4 .  ? -0.296  -3.050  9.191   1.00 42.46  ? 219 HOH A O     1 
HETATM 531 O O     . HOH F 4 .  ? -3.759  -12.922 1.478   1.00 34.34  ? 220 HOH A O     1 
HETATM 532 O O     . HOH F 4 .  ? -5.159  2.370   -4.754  1.00 39.03  ? 221 HOH A O     1 
HETATM 533 O O     . HOH F 4 .  ? -7.190  1.359   3.457   1.00 31.40  ? 222 HOH A O     1 
HETATM 534 O O     . HOH F 4 .  ? -5.137  -9.715  13.031  1.00 53.58  ? 223 HOH A O     1 
HETATM 535 O O     . HOH F 4 .  ? 4.736   -7.105  10.115  1.00 47.24  ? 224 HOH A O     1 
HETATM 536 O O     . HOH F 4 .  ? 8.260   -8.883  -1.628  1.00 60.93  ? 225 HOH A O     1 
HETATM 537 O O     . HOH F 4 .  ? 8.390   -0.405  -5.843  1.00 36.62  ? 226 HOH A O     1 
HETATM 538 O O     . HOH F 4 .  ? -10.458 4.656   -2.783  1.00 41.91  ? 227 HOH A O     1 
HETATM 539 O O     . HOH F 4 .  ? 5.274   -8.903  1.929   1.00 31.42  ? 228 HOH A O     1 
HETATM 540 O O     . HOH F 4 .  ? -3.037  -8.860  6.571   1.00 45.23  ? 229 HOH A O     1 
HETATM 541 O O     . HOH F 4 .  ? -9.983  1.643   -2.558  1.00 42.47  ? 230 HOH A O     1 
HETATM 542 O O     . HOH F 4 .  ? -1.956  -6.065  5.746   1.00 37.36  ? 231 HOH A O     1 
HETATM 543 O O     . HOH F 4 .  ? -1.015  9.922   -4.167  1.00 51.45  ? 232 HOH A O     1 
HETATM 544 O O     . HOH F 4 .  ? -6.725  -10.784 2.093   0.50 36.78  ? 233 HOH A O     1 
HETATM 545 O O     . HOH F 4 .  ? -6.625  0.140   6.439   1.00 40.49  ? 234 HOH A O     1 
HETATM 546 O O     . HOH F 4 .  ? -6.313  -6.653  0.272   1.00 43.22  ? 235 HOH A O     1 
HETATM 547 O O     . HOH F 4 .  ? -2.680  2.657   -7.926  1.00 40.05  ? 236 HOH A O     1 
HETATM 548 O O     . HOH F 4 .  ? 9.100   -7.907  3.857   1.00 50.57  ? 237 HOH A O     1 
HETATM 549 O O     . HOH F 4 .  ? 11.521  9.342   -2.155  1.00 46.21  ? 238 HOH A O     1 
HETATM 550 O O     . HOH F 4 .  ? -7.597  10.772  -2.707  1.00 45.29  ? 239 HOH A O     1 
HETATM 551 O O     . HOH F 4 .  ? 5.142   6.591   -7.539  1.00 42.27  ? 240 HOH A O     1 
HETATM 552 O O     . HOH F 4 .  ? -2.653  8.634   -1.122  1.00 37.76  ? 241 HOH A O     1 
HETATM 553 O O     . HOH F 4 .  ? 10.856  -0.003  9.033   1.00 51.54  ? 242 HOH A O     1 
HETATM 554 O O     . HOH F 4 .  ? -4.750  -6.496  2.814   1.00 44.28  ? 243 HOH A O     1 
HETATM 555 O O     . HOH F 4 .  ? -13.612 12.723  -4.156  1.00 56.35  ? 244 HOH A O     1 
HETATM 556 O O     . HOH F 4 .  ? -11.696 -6.976  13.888  1.00 51.78  ? 245 HOH A O     1 
HETATM 557 O O     . HOH F 4 .  ? -1.307  -10.067 8.087   1.00 47.28  ? 246 HOH A O     1 
HETATM 558 O O     . HOH F 4 .  ? 7.164   13.137  -7.591  1.00 56.29  ? 247 HOH A O     1 
HETATM 559 O O     . HOH F 4 .  ? -13.890 6.319   -0.532  1.00 49.30  ? 248 HOH A O     1 
HETATM 560 O O     . HOH F 4 .  ? 10.123  -8.608  6.342   1.00 54.77  ? 249 HOH A O     1 
HETATM 561 O O     . HOH F 4 .  ? -9.278  0.032   -8.769  1.00 59.19  ? 250 HOH A O     1 
HETATM 562 O O     . HOH F 4 .  ? -13.320 -0.532  -2.511  1.00 53.82  ? 251 HOH A O     1 
HETATM 563 O O     . HOH F 4 .  ? 5.215   -9.400  10.385  1.00 73.55  ? 252 HOH A O     1 
HETATM 564 O O     . HOH F 4 .  ? -5.666  9.248   3.674   1.00 58.33  ? 253 HOH A O     1 
# 
loop_
_pdbx_poly_seq_scheme.asym_id 
_pdbx_poly_seq_scheme.entity_id 
_pdbx_poly_seq_scheme.seq_id 
_pdbx_poly_seq_scheme.mon_id 
_pdbx_poly_seq_scheme.ndb_seq_num 
_pdbx_poly_seq_scheme.pdb_seq_num 
_pdbx_poly_seq_scheme.auth_seq_num 
_pdbx_poly_seq_scheme.pdb_mon_id 
_pdbx_poly_seq_scheme.auth_mon_id 
_pdbx_poly_seq_scheme.pdb_strand_id 
_pdbx_poly_seq_scheme.pdb_ins_code 
_pdbx_poly_seq_scheme.hetero 
A 1 1  DA 1  1  1  DA DA A . n 
A 1 2  DG 2  2  2  DG DG A . n 
A 1 3  DG 3  3  3  DG DG A . n 
A 1 4  DG 4  4  4  DG DG A . n 
A 1 5  DT 5  5  5  DT DT A . n 
A 1 6  DT 6  6  6  DT DT A . n 
A 1 7  DA 7  7  7  DA DA A . n 
A 1 8  DG 8  8  8  DG DG A . n 
A 1 9  DG 9  9  9  DG DG A . n 
A 1 10 DG 10 10 10 DG DG A . n 
A 1 11 DT 11 11 11 DT DT A . n 
A 1 12 DT 12 12 12 DT DT A . n 
A 1 13 DA 13 13 13 DA DA A . n 
A 1 14 DG 14 14 14 DG DG A . n 
A 1 15 DG 15 15 15 DG DG A . n 
A 1 16 DG 16 16 16 DG DG A . n 
A 1 17 DT 17 17 17 DT DT A . n 
A 1 18 DT 18 18 18 DT DT A . n 
A 1 19 DA 19 19 19 DA DA A . n 
A 1 20 DG 20 20 20 DG DG A . n 
A 1 21 DG 21 21 21 DG DG A . n 
A 1 22 DG 22 22 22 DG DG A . n 
# 
loop_
_pdbx_nonpoly_scheme.asym_id 
_pdbx_nonpoly_scheme.entity_id 
_pdbx_nonpoly_scheme.mon_id 
_pdbx_nonpoly_scheme.ndb_seq_num 
_pdbx_nonpoly_scheme.pdb_seq_num 
_pdbx_nonpoly_scheme.auth_seq_num 
_pdbx_nonpoly_scheme.pdb_mon_id 
_pdbx_nonpoly_scheme.auth_mon_id 
_pdbx_nonpoly_scheme.pdb_strand_id 
_pdbx_nonpoly_scheme.pdb_ins_code 
B 2 K   1  101 1  K   K   A . 
C 2 K   1  102 2  K   K   A . 
D 2 K   1  103 3  K   K   A . 
E 3 MMP 1  104 1  MMP MMP A . 
F 4 HOH 1  201 1  HOH HOH A . 
F 4 HOH 2  202 2  HOH HOH A . 
F 4 HOH 3  203 3  HOH HOH A . 
F 4 HOH 4  204 4  HOH HOH A . 
F 4 HOH 5  205 5  HOH HOH A . 
F 4 HOH 6  206 6  HOH HOH A . 
F 4 HOH 7  207 7  HOH HOH A . 
F 4 HOH 8  208 8  HOH HOH A . 
F 4 HOH 9  209 9  HOH HOH A . 
F 4 HOH 10 210 10 HOH HOH A . 
F 4 HOH 11 211 11 HOH HOH A . 
F 4 HOH 12 212 12 HOH HOH A . 
F 4 HOH 13 213 13 HOH HOH A . 
F 4 HOH 14 214 14 HOH HOH A . 
F 4 HOH 15 215 15 HOH HOH A . 
F 4 HOH 16 216 16 HOH HOH A . 
F 4 HOH 17 217 17 HOH HOH A . 
F 4 HOH 18 218 18 HOH HOH A . 
F 4 HOH 19 219 19 HOH HOH A . 
F 4 HOH 20 220 20 HOH HOH A . 
F 4 HOH 21 221 21 HOH HOH A . 
F 4 HOH 22 222 22 HOH HOH A . 
F 4 HOH 23 223 23 HOH HOH A . 
F 4 HOH 24 224 24 HOH HOH A . 
F 4 HOH 25 225 25 HOH HOH A . 
F 4 HOH 26 226 26 HOH HOH A . 
F 4 HOH 27 227 27 HOH HOH A . 
F 4 HOH 28 228 28 HOH HOH A . 
F 4 HOH 29 229 29 HOH HOH A . 
F 4 HOH 30 230 30 HOH HOH A . 
F 4 HOH 31 231 31 HOH HOH A . 
F 4 HOH 32 232 32 HOH HOH A . 
F 4 HOH 33 233 33 HOH HOH A . 
F 4 HOH 34 234 34 HOH HOH A . 
F 4 HOH 35 235 35 HOH HOH A . 
F 4 HOH 36 236 36 HOH HOH A . 
F 4 HOH 37 237 37 HOH HOH A . 
F 4 HOH 38 238 38 HOH HOH A . 
F 4 HOH 39 239 39 HOH HOH A . 
F 4 HOH 40 240 40 HOH HOH A . 
F 4 HOH 41 241 41 HOH HOH A . 
F 4 HOH 42 242 42 HOH HOH A . 
F 4 HOH 43 243 43 HOH HOH A . 
F 4 HOH 44 244 44 HOH HOH A . 
F 4 HOH 45 245 45 HOH HOH A . 
F 4 HOH 46 246 46 HOH HOH A . 
F 4 HOH 47 247 47 HOH HOH A . 
F 4 HOH 48 248 48 HOH HOH A . 
F 4 HOH 49 249 49 HOH HOH A . 
F 4 HOH 50 250 50 HOH HOH A . 
F 4 HOH 51 251 51 HOH HOH A . 
F 4 HOH 52 252 52 HOH HOH A . 
F 4 HOH 53 253 53 HOH HOH A . 
# 
_pdbx_struct_assembly.id                   1 
_pdbx_struct_assembly.details              author_and_software_defined_assembly 
_pdbx_struct_assembly.method_details       PISA 
_pdbx_struct_assembly.oligomeric_details   monomeric 
_pdbx_struct_assembly.oligomeric_count     1 
# 
_pdbx_struct_assembly_gen.assembly_id       1 
_pdbx_struct_assembly_gen.oper_expression   1 
_pdbx_struct_assembly_gen.asym_id_list      A,B,C,D,E,F 
# 
_pdbx_struct_oper_list.id                   1 
_pdbx_struct_oper_list.type                 'identity operation' 
_pdbx_struct_oper_list.name                 1_555 
_pdbx_struct_oper_list.symmetry_operation   x,y,z 
_pdbx_struct_oper_list.matrix[1][1]         1.0000000000 
_pdbx_struct_oper_list.matrix[1][2]         0.0000000000 
_pdbx_struct_oper_list.matrix[1][3]         0.0000000000 
_pdbx_struct_oper_list.vector[1]            0.0000000000 
_pdbx_struct_oper_list.matrix[2][1]         0.0000000000 
_pdbx_struct_oper_list.matrix[2][2]         1.0000000000 
_pdbx_struct_oper_list.matrix[2][3]         0.0000000000 
_pdbx_struct_oper_list.vector[2]            0.0000000000 
_pdbx_struct_oper_list.matrix[3][1]         0.0000000000 
_pdbx_struct_oper_list.matrix[3][2]         0.0000000000 
_pdbx_struct_oper_list.matrix[3][3]         1.0000000000 
_pdbx_struct_oper_list.vector[3]            0.0000000000 
# 
loop_
_pdbx_struct_special_symmetry.id 
_pdbx_struct_special_symmetry.PDB_model_num 
_pdbx_struct_special_symmetry.auth_asym_id 
_pdbx_struct_special_symmetry.auth_comp_id 
_pdbx_struct_special_symmetry.auth_seq_id 
_pdbx_struct_special_symmetry.PDB_ins_code 
_pdbx_struct_special_symmetry.label_asym_id 
_pdbx_struct_special_symmetry.label_comp_id 
_pdbx_struct_special_symmetry.label_seq_id 
1 1 A HOH 206 ? F HOH . 
2 1 A HOH 233 ? F HOH . 
# 
loop_
_pdbx_struct_conn_angle.id 
_pdbx_struct_conn_angle.ptnr1_label_atom_id 
_pdbx_struct_conn_angle.ptnr1_label_alt_id 
_pdbx_struct_conn_angle.ptnr1_label_asym_id 
_pdbx_struct_conn_angle.ptnr1_label_comp_id 
_pdbx_struct_conn_angle.ptnr1_label_seq_id 
_pdbx_struct_conn_angle.ptnr1_auth_atom_id 
_pdbx_struct_conn_angle.ptnr1_auth_asym_id 
_pdbx_struct_conn_angle.ptnr1_auth_comp_id 
_pdbx_struct_conn_angle.ptnr1_auth_seq_id 
_pdbx_struct_conn_angle.ptnr1_PDB_ins_code 
_pdbx_struct_conn_angle.ptnr1_symmetry 
_pdbx_struct_conn_angle.ptnr2_label_atom_id 
_pdbx_struct_conn_angle.ptnr2_label_alt_id 
_pdbx_struct_conn_angle.ptnr2_label_asym_id 
_pdbx_struct_conn_angle.ptnr2_label_comp_id 
_pdbx_struct_conn_angle.ptnr2_label_seq_id 
_pdbx_struct_conn_angle.ptnr2_auth_atom_id 
_pdbx_struct_conn_angle.ptnr2_auth_asym_id 
_pdbx_struct_conn_angle.ptnr2_auth_comp_id 
_pdbx_struct_conn_angle.ptnr2_auth_seq_id 
_pdbx_struct_conn_angle.ptnr2_PDB_ins_code 
_pdbx_struct_conn_angle.ptnr2_symmetry 
_pdbx_struct_conn_angle.ptnr3_label_atom_id 
_pdbx_struct_conn_angle.ptnr3_label_alt_id 
_pdbx_struct_conn_angle.ptnr3_label_asym_id 
_pdbx_struct_conn_angle.ptnr3_label_comp_id 
_pdbx_struct_conn_angle.ptnr3_label_seq_id 
_pdbx_struct_conn_angle.ptnr3_auth_atom_id 
_pdbx_struct_conn_angle.ptnr3_auth_asym_id 
_pdbx_struct_conn_angle.ptnr3_auth_comp_id 
_pdbx_struct_conn_angle.ptnr3_auth_seq_id 
_pdbx_struct_conn_angle.ptnr3_PDB_ins_code 
_pdbx_struct_conn_angle.ptnr3_symmetry 
_pdbx_struct_conn_angle.value 
_pdbx_struct_conn_angle.value_esd 
1  O6 ? A DG 2  ? A DG 2  ? 1_555 K ? B K . ? A K 101 ? 1_555 O6 ? A DG 3  ? A DG 3  ? 1_555 75.6  ? 
2  O6 ? A DG 2  ? A DG 2  ? 1_555 K ? B K . ? A K 101 ? 1_555 O6 ? A DG 8  ? A DG 8  ? 1_555 68.2  ? 
3  O6 ? A DG 3  ? A DG 3  ? 1_555 K ? B K . ? A K 101 ? 1_555 O6 ? A DG 8  ? A DG 8  ? 1_555 90.1  ? 
4  O6 ? A DG 2  ? A DG 2  ? 1_555 K ? B K . ? A K 101 ? 1_555 O6 ? A DG 9  ? A DG 9  ? 1_555 129.6 ? 
5  O6 ? A DG 3  ? A DG 3  ? 1_555 K ? B K . ? A K 101 ? 1_555 O6 ? A DG 9  ? A DG 9  ? 1_555 71.3  ? 
6  O6 ? A DG 8  ? A DG 8  ? 1_555 K ? B K . ? A K 101 ? 1_555 O6 ? A DG 9  ? A DG 9  ? 1_555 74.9  ? 
7  O6 ? A DG 2  ? A DG 2  ? 1_555 K ? B K . ? A K 101 ? 1_555 O6 ? A DG 14 ? A DG 14 ? 1_555 106.2 ? 
8  O6 ? A DG 3  ? A DG 3  ? 1_555 K ? B K . ? A K 101 ? 1_555 O6 ? A DG 14 ? A DG 14 ? 1_555 155.4 ? 
9  O6 ? A DG 8  ? A DG 8  ? 1_555 K ? B K . ? A K 101 ? 1_555 O6 ? A DG 14 ? A DG 14 ? 1_555 68.9  ? 
10 O6 ? A DG 9  ? A DG 9  ? 1_555 K ? B K . ? A K 101 ? 1_555 O6 ? A DG 14 ? A DG 14 ? 1_555 90.5  ? 
11 O6 ? A DG 2  ? A DG 2  ? 1_555 K ? B K . ? A K 101 ? 1_555 O6 ? A DG 15 ? A DG 15 ? 1_555 156.2 ? 
12 O6 ? A DG 3  ? A DG 3  ? 1_555 K ? B K . ? A K 101 ? 1_555 O6 ? A DG 15 ? A DG 15 ? 1_555 113.0 ? 
13 O6 ? A DG 8  ? A DG 8  ? 1_555 K ? B K . ? A K 101 ? 1_555 O6 ? A DG 15 ? A DG 15 ? 1_555 131.4 ? 
14 O6 ? A DG 9  ? A DG 9  ? 1_555 K ? B K . ? A K 101 ? 1_555 O6 ? A DG 15 ? A DG 15 ? 1_555 73.5  ? 
15 O6 ? A DG 14 ? A DG 14 ? 1_555 K ? B K . ? A K 101 ? 1_555 O6 ? A DG 15 ? A DG 15 ? 1_555 75.4  ? 
16 O6 ? A DG 2  ? A DG 2  ? 1_555 K ? B K . ? A K 101 ? 1_555 O6 ? A DG 20 ? A DG 20 ? 1_555 69.9  ? 
17 O6 ? A DG 3  ? A DG 3  ? 1_555 K ? B K . ? A K 101 ? 1_555 O6 ? A DG 20 ? A DG 20 ? 1_555 131.9 ? 
18 O6 ? A DG 8  ? A DG 8  ? 1_555 K ? B K . ? A K 101 ? 1_555 O6 ? A DG 20 ? A DG 20 ? 1_555 106.5 ? 
19 O6 ? A DG 9  ? A DG 9  ? 1_555 K ? B K . ? A K 101 ? 1_555 O6 ? A DG 20 ? A DG 20 ? 1_555 156.2 ? 
20 O6 ? A DG 14 ? A DG 14 ? 1_555 K ? B K . ? A K 101 ? 1_555 O6 ? A DG 20 ? A DG 20 ? 1_555 68.9  ? 
21 O6 ? A DG 15 ? A DG 15 ? 1_555 K ? B K . ? A K 101 ? 1_555 O6 ? A DG 20 ? A DG 20 ? 1_555 89.5  ? 
22 O6 ? A DG 2  ? A DG 2  ? 1_555 K ? B K . ? A K 101 ? 1_555 O6 ? A DG 21 ? A DG 21 ? 1_555 91.0  ? 
23 O6 ? A DG 3  ? A DG 3  ? 1_555 K ? B K . ? A K 101 ? 1_555 O6 ? A DG 21 ? A DG 21 ? 1_555 71.4  ? 
24 O6 ? A DG 8  ? A DG 8  ? 1_555 K ? B K . ? A K 101 ? 1_555 O6 ? A DG 21 ? A DG 21 ? 1_555 155.3 ? 
25 O6 ? A DG 9  ? A DG 9  ? 1_555 K ? B K . ? A K 101 ? 1_555 O6 ? A DG 21 ? A DG 21 ? 1_555 112.4 ? 
26 O6 ? A DG 14 ? A DG 14 ? 1_555 K ? B K . ? A K 101 ? 1_555 O6 ? A DG 21 ? A DG 21 ? 1_555 132.3 ? 
27 O6 ? A DG 15 ? A DG 15 ? 1_555 K ? B K . ? A K 101 ? 1_555 O6 ? A DG 21 ? A DG 21 ? 1_555 72.3  ? 
28 O6 ? A DG 20 ? A DG 20 ? 1_555 K ? B K . ? A K 101 ? 1_555 O6 ? A DG 21 ? A DG 21 ? 1_555 76.6  ? 
29 O6 ? A DG 2  ? A DG 2  ? 1_555 K ? D K . ? A K 103 ? 1_555 O6 ? A DG 8  ? A DG 8  ? 1_555 74.6  ? 
30 O6 ? A DG 2  ? A DG 2  ? 1_555 K ? D K . ? A K 103 ? 1_555 O6 ? A DG 14 ? A DG 14 ? 1_555 120.1 ? 
31 O6 ? A DG 8  ? A DG 8  ? 1_555 K ? D K . ? A K 103 ? 1_555 O6 ? A DG 14 ? A DG 14 ? 1_555 72.6  ? 
32 O6 ? A DG 2  ? A DG 2  ? 1_555 K ? D K . ? A K 103 ? 1_555 O6 ? A DG 20 ? A DG 20 ? 1_555 79.5  ? 
33 O6 ? A DG 8  ? A DG 8  ? 1_555 K ? D K . ? A K 103 ? 1_555 O6 ? A DG 20 ? A DG 20 ? 1_555 119.2 ? 
34 O6 ? A DG 14 ? A DG 14 ? 1_555 K ? D K . ? A K 103 ? 1_555 O6 ? A DG 20 ? A DG 20 ? 1_555 75.0  ? 
35 O6 ? A DG 3  ? A DG 3  ? 1_555 K ? C K . ? A K 102 ? 1_555 O6 ? A DG 4  ? A DG 4  ? 1_555 70.8  ? 
36 O6 ? A DG 3  ? A DG 3  ? 1_555 K ? C K . ? A K 102 ? 1_555 O6 ? A DG 9  ? A DG 9  ? 1_555 65.3  ? 
37 O6 ? A DG 4  ? A DG 4  ? 1_555 K ? C K . ? A K 102 ? 1_555 O6 ? A DG 9  ? A DG 9  ? 1_555 88.5  ? 
38 O6 ? A DG 3  ? A DG 3  ? 1_555 K ? C K . ? A K 102 ? 1_555 O6 ? A DG 10 ? A DG 10 ? 1_555 126.5 ? 
39 O6 ? A DG 4  ? A DG 4  ? 1_555 K ? C K . ? A K 102 ? 1_555 O6 ? A DG 10 ? A DG 10 ? 1_555 77.3  ? 
40 O6 ? A DG 9  ? A DG 9  ? 1_555 K ? C K . ? A K 102 ? 1_555 O6 ? A DG 10 ? A DG 10 ? 1_555 72.2  ? 
41 O6 ? A DG 3  ? A DG 3  ? 1_555 K ? C K . ? A K 102 ? 1_555 O6 ? A DG 15 ? A DG 15 ? 1_555 100.8 ? 
42 O6 ? A DG 4  ? A DG 4  ? 1_555 K ? C K . ? A K 102 ? 1_555 O6 ? A DG 15 ? A DG 15 ? 1_555 155.1 ? 
43 O6 ? A DG 9  ? A DG 9  ? 1_555 K ? C K . ? A K 102 ? 1_555 O6 ? A DG 15 ? A DG 15 ? 1_555 66.9  ? 
44 O6 ? A DG 10 ? A DG 10 ? 1_555 K ? C K . ? A K 102 ? 1_555 O6 ? A DG 15 ? A DG 15 ? 1_555 90.6  ? 
45 O6 ? A DG 3  ? A DG 3  ? 1_555 K ? C K . ? A K 102 ? 1_555 O6 ? A DG 16 ? A DG 16 ? 1_555 156.9 ? 
46 O6 ? A DG 4  ? A DG 4  ? 1_555 K ? C K . ? A K 102 ? 1_555 O6 ? A DG 16 ? A DG 16 ? 1_555 123.7 ? 
47 O6 ? A DG 9  ? A DG 9  ? 1_555 K ? C K . ? A K 102 ? 1_555 O6 ? A DG 16 ? A DG 16 ? 1_555 127.8 ? 
48 O6 ? A DG 10 ? A DG 10 ? 1_555 K ? C K . ? A K 102 ? 1_555 O6 ? A DG 16 ? A DG 16 ? 1_555 76.4  ? 
49 O6 ? A DG 15 ? A DG 15 ? 1_555 K ? C K . ? A K 102 ? 1_555 O6 ? A DG 16 ? A DG 16 ? 1_555 72.9  ? 
50 O6 ? A DG 3  ? A DG 3  ? 1_555 K ? C K . ? A K 102 ? 1_555 O6 ? A DG 21 ? A DG 21 ? 1_555 65.9  ? 
51 O6 ? A DG 4  ? A DG 4  ? 1_555 K ? C K . ? A K 102 ? 1_555 O6 ? A DG 21 ? A DG 21 ? 1_555 125.7 ? 
52 O6 ? A DG 9  ? A DG 9  ? 1_555 K ? C K . ? A K 102 ? 1_555 O6 ? A DG 21 ? A DG 21 ? 1_555 101.2 ? 
53 O6 ? A DG 10 ? A DG 10 ? 1_555 K ? C K . ? A K 102 ? 1_555 O6 ? A DG 21 ? A DG 21 ? 1_555 156.5 ? 
54 O6 ? A DG 15 ? A DG 15 ? 1_555 K ? C K . ? A K 102 ? 1_555 O6 ? A DG 21 ? A DG 21 ? 1_555 66.4  ? 
55 O6 ? A DG 16 ? A DG 16 ? 1_555 K ? C K . ? A K 102 ? 1_555 O6 ? A DG 21 ? A DG 21 ? 1_555 91.5  ? 
56 O6 ? A DG 3  ? A DG 3  ? 1_555 K ? C K . ? A K 102 ? 1_555 O6 ? A DG 22 ? A DG 22 ? 1_555 90.8  ? 
57 O6 ? A DG 4  ? A DG 4  ? 1_555 K ? C K . ? A K 102 ? 1_555 O6 ? A DG 22 ? A DG 22 ? 1_555 76.8  ? 
58 O6 ? A DG 9  ? A DG 9  ? 1_555 K ? C K . ? A K 102 ? 1_555 O6 ? A DG 22 ? A DG 22 ? 1_555 155.2 ? 
59 O6 ? A DG 10 ? A DG 10 ? 1_555 K ? C K . ? A K 102 ? 1_555 O6 ? A DG 22 ? A DG 22 ? 1_555 122.4 ? 
60 O6 ? A DG 15 ? A DG 15 ? 1_555 K ? C K . ? A K 102 ? 1_555 O6 ? A DG 22 ? A DG 22 ? 1_555 127.6 ? 
61 O6 ? A DG 16 ? A DG 16 ? 1_555 K ? C K . ? A K 102 ? 1_555 O6 ? A DG 22 ? A DG 22 ? 1_555 76.9  ? 
62 O6 ? A DG 21 ? A DG 21 ? 1_555 K ? C K . ? A K 102 ? 1_555 O6 ? A DG 22 ? A DG 22 ? 1_555 72.8  ? 
# 
loop_
_pdbx_audit_revision_history.ordinal 
_pdbx_audit_revision_history.data_content_type 
_pdbx_audit_revision_history.major_revision 
_pdbx_audit_revision_history.minor_revision 
_pdbx_audit_revision_history.revision_date 
1 'Structure model' 1 0 2012-12-26 
2 'Structure model' 1 1 2013-01-02 
3 'Structure model' 1 2 2023-09-13 
# 
_pdbx_audit_revision_details.ordinal             1 
_pdbx_audit_revision_details.revision_ordinal    1 
_pdbx_audit_revision_details.data_content_type   'Structure model' 
_pdbx_audit_revision_details.provider            repository 
_pdbx_audit_revision_details.type                'Initial release' 
_pdbx_audit_revision_details.description         ? 
_pdbx_audit_revision_details.details             ? 
# 
loop_
_pdbx_audit_revision_group.ordinal 
_pdbx_audit_revision_group.revision_ordinal 
_pdbx_audit_revision_group.data_content_type 
_pdbx_audit_revision_group.group 
1 2 'Structure model' 'Database references'    
2 3 'Structure model' 'Data collection'        
3 3 'Structure model' 'Database references'    
4 3 'Structure model' 'Derived calculations'   
5 3 'Structure model' 'Refinement description' 
# 
loop_
_pdbx_audit_revision_category.ordinal 
_pdbx_audit_revision_category.revision_ordinal 
_pdbx_audit_revision_category.data_content_type 
_pdbx_audit_revision_category.category 
1 3 'Structure model' chem_comp_atom                
2 3 'Structure model' chem_comp_bond                
3 3 'Structure model' database_2                    
4 3 'Structure model' pdbx_initial_refinement_model 
5 3 'Structure model' pdbx_struct_conn_angle        
6 3 'Structure model' struct_conn                   
7 3 'Structure model' struct_site                   
# 
loop_
_pdbx_audit_revision_item.ordinal 
_pdbx_audit_revision_item.revision_ordinal 
_pdbx_audit_revision_item.data_content_type 
_pdbx_audit_revision_item.item 
1  3 'Structure model' '_database_2.pdbx_DOI'                        
2  3 'Structure model' '_database_2.pdbx_database_accession'         
3  3 'Structure model' '_pdbx_struct_conn_angle.ptnr1_auth_seq_id'   
4  3 'Structure model' '_pdbx_struct_conn_angle.ptnr1_label_seq_id'  
5  3 'Structure model' '_pdbx_struct_conn_angle.ptnr2_auth_seq_id'   
6  3 'Structure model' '_pdbx_struct_conn_angle.ptnr2_label_asym_id' 
7  3 'Structure model' '_pdbx_struct_conn_angle.ptnr3_auth_seq_id'   
8  3 'Structure model' '_pdbx_struct_conn_angle.ptnr3_label_seq_id'  
9  3 'Structure model' '_pdbx_struct_conn_angle.value'               
10 3 'Structure model' '_struct_conn.pdbx_dist_value'                
11 3 'Structure model' '_struct_conn.ptnr1_auth_seq_id'              
12 3 'Structure model' '_struct_conn.ptnr1_label_seq_id'             
13 3 'Structure model' '_struct_conn.ptnr2_auth_seq_id'              
14 3 'Structure model' '_struct_conn.ptnr2_label_asym_id'            
15 3 'Structure model' '_struct_site.pdbx_auth_asym_id'              
16 3 'Structure model' '_struct_site.pdbx_auth_comp_id'              
17 3 'Structure model' '_struct_site.pdbx_auth_seq_id'               
# 
loop_
_software.pdbx_ordinal 
_software.name 
_software.version 
_software.date 
_software.type 
_software.contact_author 
_software.contact_author_email 
_software.classification 
_software.location 
_software.language 
_software.citation_id 
1 REFMAC      5.6.0117 ?                program 'Garib N. Murshudov' garib@ysbl.york.ac.uk    refinement        
http://www.ccp4.ac.uk/dist/html/refmac5.html Fortran_77 ? 
2 PDB_EXTRACT 3.11     'August 3, 2011' package PDB                  deposit@deposit.rcsb.org 'data extraction' 
http://sw-tools.pdb.org/apps/PDB_EXTRACT/    C++        ? 
3 CBASS       .        ?                ?       ?                    ?                        'data collection' ? ?          ? 
4 MOSFLM      .        ?                ?       ?                    ?                        'data reduction'  ? ?          ? 
5 SCALA       .        ?                ?       ?                    ?                        'data scaling'    ? ?          ? 
6 PHASER      .        ?                ?       ?                    ?                        phasing           ? ?          ? 
# 
loop_
_pdbx_validate_rmsd_bond.id 
_pdbx_validate_rmsd_bond.PDB_model_num 
_pdbx_validate_rmsd_bond.auth_atom_id_1 
_pdbx_validate_rmsd_bond.auth_asym_id_1 
_pdbx_validate_rmsd_bond.auth_comp_id_1 
_pdbx_validate_rmsd_bond.auth_seq_id_1 
_pdbx_validate_rmsd_bond.PDB_ins_code_1 
_pdbx_validate_rmsd_bond.label_alt_id_1 
_pdbx_validate_rmsd_bond.auth_atom_id_2 
_pdbx_validate_rmsd_bond.auth_asym_id_2 
_pdbx_validate_rmsd_bond.auth_comp_id_2 
_pdbx_validate_rmsd_bond.auth_seq_id_2 
_pdbx_validate_rmsd_bond.PDB_ins_code_2 
_pdbx_validate_rmsd_bond.label_alt_id_2 
_pdbx_validate_rmsd_bond.bond_value 
_pdbx_validate_rmsd_bond.bond_target_value 
_pdbx_validate_rmsd_bond.bond_deviation 
_pdbx_validate_rmsd_bond.bond_standard_deviation 
_pdbx_validate_rmsd_bond.linker_flag 
1 1 "O3'" A DT 6  ? ? P A DA 7  ? ? 1.688 1.607 0.081 0.012 Y 
2 1 "O3'" A DG 10 ? ? P A DT 11 ? ? 1.715 1.607 0.108 0.012 Y 
3 1 "O3'" A DA 13 ? ? P A DG 14 ? ? 1.691 1.607 0.084 0.012 Y 
4 1 "O3'" A DT 18 ? ? P A DA 19 ? ? 1.725 1.607 0.118 0.012 Y 
# 
loop_
_pdbx_validate_rmsd_angle.id 
_pdbx_validate_rmsd_angle.PDB_model_num 
_pdbx_validate_rmsd_angle.auth_atom_id_1 
_pdbx_validate_rmsd_angle.auth_asym_id_1 
_pdbx_validate_rmsd_angle.auth_comp_id_1 
_pdbx_validate_rmsd_angle.auth_seq_id_1 
_pdbx_validate_rmsd_angle.PDB_ins_code_1 
_pdbx_validate_rmsd_angle.label_alt_id_1 
_pdbx_validate_rmsd_angle.auth_atom_id_2 
_pdbx_validate_rmsd_angle.auth_asym_id_2 
_pdbx_validate_rmsd_angle.auth_comp_id_2 
_pdbx_validate_rmsd_angle.auth_seq_id_2 
_pdbx_validate_rmsd_angle.PDB_ins_code_2 
_pdbx_validate_rmsd_angle.label_alt_id_2 
_pdbx_validate_rmsd_angle.auth_atom_id_3 
_pdbx_validate_rmsd_angle.auth_asym_id_3 
_pdbx_validate_rmsd_angle.auth_comp_id_3 
_pdbx_validate_rmsd_angle.auth_seq_id_3 
_pdbx_validate_rmsd_angle.PDB_ins_code_3 
_pdbx_validate_rmsd_angle.label_alt_id_3 
_pdbx_validate_rmsd_angle.angle_value 
_pdbx_validate_rmsd_angle.angle_target_value 
_pdbx_validate_rmsd_angle.angle_deviation 
_pdbx_validate_rmsd_angle.angle_standard_deviation 
_pdbx_validate_rmsd_angle.linker_flag 
1  1 "C3'" A DA 1  ? ? "O3'" A DA 1  ? ? P     A DG 2  ? ? 109.29 119.70 -10.41 1.20 Y 
2  1 "O3'" A DA 1  ? ? P     A DG 2  ? ? "O5'" A DG 2  ? ? 87.52  104.00 -16.48 1.90 Y 
3  1 "O3'" A DG 2  ? ? P     A DG 3  ? ? OP2   A DG 3  ? ? 124.03 110.50 13.53  1.10 Y 
4  1 "O5'" A DG 3  ? ? P     A DG 3  ? ? OP2   A DG 3  ? ? 96.71  105.70 -8.99  0.90 N 
5  1 "O3'" A DG 3  ? ? P     A DG 4  ? ? OP2   A DG 4  ? ? 119.37 110.50 8.87   1.10 Y 
6  1 "O5'" A DT 5  ? ? "C5'" A DT 5  ? ? "C4'" A DT 5  ? ? 104.20 109.40 -5.20  0.80 N 
7  1 "O3'" A DT 5  ? ? P     A DT 6  ? ? OP2   A DT 6  ? ? 118.84 110.50 8.34   1.10 Y 
8  1 "O5'" A DG 8  ? ? P     A DG 8  ? ? OP2   A DG 8  ? ? 99.97  105.70 -5.73  0.90 N 
9  1 "O5'" A DG 8  ? ? "C5'" A DG 8  ? ? "C4'" A DG 8  ? ? 104.32 109.40 -5.08  0.80 N 
10 1 "C3'" A DG 8  ? ? "O3'" A DG 8  ? ? P     A DG 9  ? ? 112.30 119.70 -7.40  1.20 Y 
11 1 "O3'" A DG 8  ? ? P     A DG 9  ? ? OP2   A DG 9  ? ? 120.66 110.50 10.16  1.10 Y 
12 1 "C3'" A DG 10 ? ? "O3'" A DG 10 ? ? P     A DT 11 ? ? 111.50 119.70 -8.20  1.20 Y 
13 1 "O5'" A DT 12 ? ? P     A DT 12 ? ? OP1   A DT 12 ? ? 98.43  105.70 -7.27  0.90 N 
14 1 "O3'" A DA 13 ? ? P     A DG 14 ? ? OP2   A DG 14 ? ? 118.24 110.50 7.74   1.10 Y 
15 1 "O5'" A DG 14 ? ? P     A DG 14 ? ? OP2   A DG 14 ? ? 90.16  105.70 -15.54 0.90 N 
16 1 "O5'" A DG 14 ? ? "C5'" A DG 14 ? ? "C4'" A DG 14 ? ? 104.47 109.40 -4.93  0.80 N 
17 1 "O3'" A DG 14 ? ? P     A DG 15 ? ? OP2   A DG 15 ? ? 121.32 110.50 10.82  1.10 Y 
18 1 "O3'" A DG 15 ? ? P     A DG 16 ? ? OP2   A DG 16 ? ? 118.12 110.50 7.62   1.10 Y 
19 1 "O5'" A DT 17 ? ? P     A DT 17 ? ? OP1   A DT 17 ? ? 99.37  105.70 -6.33  0.90 N 
20 1 "O3'" A DT 17 ? ? P     A DT 18 ? ? OP2   A DT 18 ? ? 118.21 110.50 7.71   1.10 Y 
21 1 "O5'" A DG 20 ? ? P     A DG 20 ? ? OP2   A DG 20 ? ? 99.54  105.70 -6.16  0.90 N 
# 
loop_
_chem_comp_atom.comp_id 
_chem_comp_atom.atom_id 
_chem_comp_atom.type_symbol 
_chem_comp_atom.pdbx_aromatic_flag 
_chem_comp_atom.pdbx_stereo_config 
_chem_comp_atom.pdbx_ordinal 
DA  OP3    O N N 1   
DA  P      P N N 2   
DA  OP1    O N N 3   
DA  OP2    O N N 4   
DA  "O5'"  O N N 5   
DA  "C5'"  C N N 6   
DA  "C4'"  C N R 7   
DA  "O4'"  O N N 8   
DA  "C3'"  C N S 9   
DA  "O3'"  O N N 10  
DA  "C2'"  C N N 11  
DA  "C1'"  C N R 12  
DA  N9     N Y N 13  
DA  C8     C Y N 14  
DA  N7     N Y N 15  
DA  C5     C Y N 16  
DA  C6     C Y N 17  
DA  N6     N N N 18  
DA  N1     N Y N 19  
DA  C2     C Y N 20  
DA  N3     N Y N 21  
DA  C4     C Y N 22  
DA  HOP3   H N N 23  
DA  HOP2   H N N 24  
DA  "H5'"  H N N 25  
DA  "H5''" H N N 26  
DA  "H4'"  H N N 27  
DA  "H3'"  H N N 28  
DA  "HO3'" H N N 29  
DA  "H2'"  H N N 30  
DA  "H2''" H N N 31  
DA  "H1'"  H N N 32  
DA  H8     H N N 33  
DA  H61    H N N 34  
DA  H62    H N N 35  
DA  H2     H N N 36  
DG  OP3    O N N 37  
DG  P      P N N 38  
DG  OP1    O N N 39  
DG  OP2    O N N 40  
DG  "O5'"  O N N 41  
DG  "C5'"  C N N 42  
DG  "C4'"  C N R 43  
DG  "O4'"  O N N 44  
DG  "C3'"  C N S 45  
DG  "O3'"  O N N 46  
DG  "C2'"  C N N 47  
DG  "C1'"  C N R 48  
DG  N9     N Y N 49  
DG  C8     C Y N 50  
DG  N7     N Y N 51  
DG  C5     C Y N 52  
DG  C6     C N N 53  
DG  O6     O N N 54  
DG  N1     N N N 55  
DG  C2     C N N 56  
DG  N2     N N N 57  
DG  N3     N N N 58  
DG  C4     C Y N 59  
DG  HOP3   H N N 60  
DG  HOP2   H N N 61  
DG  "H5'"  H N N 62  
DG  "H5''" H N N 63  
DG  "H4'"  H N N 64  
DG  "H3'"  H N N 65  
DG  "HO3'" H N N 66  
DG  "H2'"  H N N 67  
DG  "H2''" H N N 68  
DG  "H1'"  H N N 69  
DG  H8     H N N 70  
DG  H1     H N N 71  
DG  H21    H N N 72  
DG  H22    H N N 73  
DT  OP3    O N N 74  
DT  P      P N N 75  
DT  OP1    O N N 76  
DT  OP2    O N N 77  
DT  "O5'"  O N N 78  
DT  "C5'"  C N N 79  
DT  "C4'"  C N R 80  
DT  "O4'"  O N N 81  
DT  "C3'"  C N S 82  
DT  "O3'"  O N N 83  
DT  "C2'"  C N N 84  
DT  "C1'"  C N R 85  
DT  N1     N N N 86  
DT  C2     C N N 87  
DT  O2     O N N 88  
DT  N3     N N N 89  
DT  C4     C N N 90  
DT  O4     O N N 91  
DT  C5     C N N 92  
DT  C7     C N N 93  
DT  C6     C N N 94  
DT  HOP3   H N N 95  
DT  HOP2   H N N 96  
DT  "H5'"  H N N 97  
DT  "H5''" H N N 98  
DT  "H4'"  H N N 99  
DT  "H3'"  H N N 100 
DT  "HO3'" H N N 101 
DT  "H2'"  H N N 102 
DT  "H2''" H N N 103 
DT  "H1'"  H N N 104 
DT  H3     H N N 105 
DT  H71    H N N 106 
DT  H72    H N N 107 
DT  H73    H N N 108 
DT  H6     H N N 109 
HOH O      O N N 110 
HOH H1     H N N 111 
HOH H2     H N N 112 
K   K      K N N 113 
MMP C1     C N N 114 
MMP N1     N Y N 115 
MMP C11    C Y N 116 
MMP C12    C Y N 117 
MMP C13    C Y N 118 
MMP C14    C Y N 119 
MMP C15    C Y N 120 
MMP C16    C N N 121 
MMP C17    C N N 122 
MMP C18    C N N 123 
MMP N2     N Y N 124 
MMP C21    C Y N 125 
MMP C22    C N N 126 
MMP C23    C N N 127 
MMP C24    C Y N 128 
MMP C25    C Y N 129 
MMP C26    C N N 130 
MMP C27    C N N 131 
MMP C28    C N N 132 
MMP N3     N Y N 133 
MMP C31    C Y N 134 
MMP C32    C Y N 135 
MMP C33    C Y N 136 
MMP C34    C Y N 137 
MMP C35    C Y N 138 
MMP C36    C N N 139 
MMP C37    C N N 140 
MMP C38    C N N 141 
MMP C39    C N N 142 
MMP O31    O N N 143 
MMP O32    O N N 144 
MMP N4     N Y N 145 
MMP C41    C Y N 146 
MMP C42    C N N 147 
MMP C43    C N N 148 
MMP C44    C Y N 149 
MMP C45    C Y N 150 
MMP C46    C N N 151 
MMP C47    C N N 152 
MMP C48    C N N 153 
MMP C49    C N N 154 
MMP O41    O N N 155 
MMP O42    O N N 156 
MMP H11    H N N 157 
MMP H12    H N N 158 
MMP H13    H N N 159 
MMP H15    H N N 160 
MMP H161   H N N 161 
MMP H162   H N N 162 
MMP H163   H N N 163 
MMP H171   H N N 164 
MMP H172   H N N 165 
MMP H181   H N N 166 
MMP H182   H N N 167 
MMP H183   H N N 168 
MMP H25    H N N 169 
MMP H261   H N N 170 
MMP H262   H N N 171 
MMP H263   H N N 172 
MMP H271   H N N 173 
MMP H272   H N N 174 
MMP H281   H N N 175 
MMP H282   H N N 176 
MMP H283   H N N 177 
MMP HN3    H N N 178 
MMP H35    H N N 179 
MMP H361   H N N 180 
MMP H362   H N N 181 
MMP H363   H N N 182 
MMP H371   H N N 183 
MMP H372   H N N 184 
MMP H381   H N N 185 
MMP H382   H N N 186 
MMP HO31   H N N 187 
MMP H45    H N N 188 
MMP H461   H N N 189 
MMP H462   H N N 190 
MMP H463   H N N 191 
MMP H471   H N N 192 
MMP H472   H N N 193 
MMP H481   H N N 194 
MMP H482   H N N 195 
MMP HO41   H N N 196 
# 
loop_
_chem_comp_bond.comp_id 
_chem_comp_bond.atom_id_1 
_chem_comp_bond.atom_id_2 
_chem_comp_bond.value_order 
_chem_comp_bond.pdbx_aromatic_flag 
_chem_comp_bond.pdbx_stereo_config 
_chem_comp_bond.pdbx_ordinal 
DA  OP3   P      sing N N 1   
DA  OP3   HOP3   sing N N 2   
DA  P     OP1    doub N N 3   
DA  P     OP2    sing N N 4   
DA  P     "O5'"  sing N N 5   
DA  OP2   HOP2   sing N N 6   
DA  "O5'" "C5'"  sing N N 7   
DA  "C5'" "C4'"  sing N N 8   
DA  "C5'" "H5'"  sing N N 9   
DA  "C5'" "H5''" sing N N 10  
DA  "C4'" "O4'"  sing N N 11  
DA  "C4'" "C3'"  sing N N 12  
DA  "C4'" "H4'"  sing N N 13  
DA  "O4'" "C1'"  sing N N 14  
DA  "C3'" "O3'"  sing N N 15  
DA  "C3'" "C2'"  sing N N 16  
DA  "C3'" "H3'"  sing N N 17  
DA  "O3'" "HO3'" sing N N 18  
DA  "C2'" "C1'"  sing N N 19  
DA  "C2'" "H2'"  sing N N 20  
DA  "C2'" "H2''" sing N N 21  
DA  "C1'" N9     sing N N 22  
DA  "C1'" "H1'"  sing N N 23  
DA  N9    C8     sing Y N 24  
DA  N9    C4     sing Y N 25  
DA  C8    N7     doub Y N 26  
DA  C8    H8     sing N N 27  
DA  N7    C5     sing Y N 28  
DA  C5    C6     sing Y N 29  
DA  C5    C4     doub Y N 30  
DA  C6    N6     sing N N 31  
DA  C6    N1     doub Y N 32  
DA  N6    H61    sing N N 33  
DA  N6    H62    sing N N 34  
DA  N1    C2     sing Y N 35  
DA  C2    N3     doub Y N 36  
DA  C2    H2     sing N N 37  
DA  N3    C4     sing Y N 38  
DG  OP3   P      sing N N 39  
DG  OP3   HOP3   sing N N 40  
DG  P     OP1    doub N N 41  
DG  P     OP2    sing N N 42  
DG  P     "O5'"  sing N N 43  
DG  OP2   HOP2   sing N N 44  
DG  "O5'" "C5'"  sing N N 45  
DG  "C5'" "C4'"  sing N N 46  
DG  "C5'" "H5'"  sing N N 47  
DG  "C5'" "H5''" sing N N 48  
DG  "C4'" "O4'"  sing N N 49  
DG  "C4'" "C3'"  sing N N 50  
DG  "C4'" "H4'"  sing N N 51  
DG  "O4'" "C1'"  sing N N 52  
DG  "C3'" "O3'"  sing N N 53  
DG  "C3'" "C2'"  sing N N 54  
DG  "C3'" "H3'"  sing N N 55  
DG  "O3'" "HO3'" sing N N 56  
DG  "C2'" "C1'"  sing N N 57  
DG  "C2'" "H2'"  sing N N 58  
DG  "C2'" "H2''" sing N N 59  
DG  "C1'" N9     sing N N 60  
DG  "C1'" "H1'"  sing N N 61  
DG  N9    C8     sing Y N 62  
DG  N9    C4     sing Y N 63  
DG  C8    N7     doub Y N 64  
DG  C8    H8     sing N N 65  
DG  N7    C5     sing Y N 66  
DG  C5    C6     sing N N 67  
DG  C5    C4     doub Y N 68  
DG  C6    O6     doub N N 69  
DG  C6    N1     sing N N 70  
DG  N1    C2     sing N N 71  
DG  N1    H1     sing N N 72  
DG  C2    N2     sing N N 73  
DG  C2    N3     doub N N 74  
DG  N2    H21    sing N N 75  
DG  N2    H22    sing N N 76  
DG  N3    C4     sing N N 77  
DT  OP3   P      sing N N 78  
DT  OP3   HOP3   sing N N 79  
DT  P     OP1    doub N N 80  
DT  P     OP2    sing N N 81  
DT  P     "O5'"  sing N N 82  
DT  OP2   HOP2   sing N N 83  
DT  "O5'" "C5'"  sing N N 84  
DT  "C5'" "C4'"  sing N N 85  
DT  "C5'" "H5'"  sing N N 86  
DT  "C5'" "H5''" sing N N 87  
DT  "C4'" "O4'"  sing N N 88  
DT  "C4'" "C3'"  sing N N 89  
DT  "C4'" "H4'"  sing N N 90  
DT  "O4'" "C1'"  sing N N 91  
DT  "C3'" "O3'"  sing N N 92  
DT  "C3'" "C2'"  sing N N 93  
DT  "C3'" "H3'"  sing N N 94  
DT  "O3'" "HO3'" sing N N 95  
DT  "C2'" "C1'"  sing N N 96  
DT  "C2'" "H2'"  sing N N 97  
DT  "C2'" "H2''" sing N N 98  
DT  "C1'" N1     sing N N 99  
DT  "C1'" "H1'"  sing N N 100 
DT  N1    C2     sing N N 101 
DT  N1    C6     sing N N 102 
DT  C2    O2     doub N N 103 
DT  C2    N3     sing N N 104 
DT  N3    C4     sing N N 105 
DT  N3    H3     sing N N 106 
DT  C4    O4     doub N N 107 
DT  C4    C5     sing N N 108 
DT  C5    C7     sing N N 109 
DT  C5    C6     doub N N 110 
DT  C7    H71    sing N N 111 
DT  C7    H72    sing N N 112 
DT  C7    H73    sing N N 113 
DT  C6    H6     sing N N 114 
HOH O     H1     sing N N 115 
HOH O     H2     sing N N 116 
MMP C1    N1     sing N N 117 
MMP C1    H11    sing N N 118 
MMP C1    H12    sing N N 119 
MMP C1    H13    sing N N 120 
MMP N1    C11    sing Y N 121 
MMP N1    C14    sing Y N 122 
MMP C11   C12    doub Y N 123 
MMP C11   C45    sing Y N 124 
MMP C12   C13    sing Y N 125 
MMP C12   C16    sing N N 126 
MMP C13   C14    doub Y N 127 
MMP C13   C17    sing N N 128 
MMP C14   C15    sing Y N 129 
MMP C15   C21    doub Y Z 130 
MMP C15   H15    sing N N 131 
MMP C16   H161   sing N N 132 
MMP C16   H162   sing N N 133 
MMP C16   H163   sing N N 134 
MMP C17   C18    sing N N 135 
MMP C17   H171   sing N N 136 
MMP C17   H172   sing N N 137 
MMP C18   H181   sing N N 138 
MMP C18   H182   sing N N 139 
MMP C18   H183   sing N N 140 
MMP N2    C21    sing Y N 141 
MMP N2    C24    doub Y N 142 
MMP C21   C22    sing N N 143 
MMP C22   C23    doub N N 144 
MMP C22   C26    sing N N 145 
MMP C23   C24    sing N N 146 
MMP C23   C27    sing N N 147 
MMP C24   C25    sing Y N 148 
MMP C25   C31    doub Y Z 149 
MMP C25   H25    sing N N 150 
MMP C26   H261   sing N N 151 
MMP C26   H262   sing N N 152 
MMP C26   H263   sing N N 153 
MMP C27   C28    sing N N 154 
MMP C27   H271   sing N N 155 
MMP C27   H272   sing N N 156 
MMP C28   H281   sing N N 157 
MMP C28   H282   sing N N 158 
MMP C28   H283   sing N N 159 
MMP N3    C31    sing Y N 160 
MMP N3    C34    sing Y N 161 
MMP N3    HN3    sing N N 162 
MMP C31   C32    sing Y N 163 
MMP C32   C33    doub Y N 164 
MMP C32   C36    sing N N 165 
MMP C33   C34    sing Y N 166 
MMP C33   C37    sing N N 167 
MMP C34   C35    doub Y Z 168 
MMP C35   C41    sing Y N 169 
MMP C35   H35    sing N N 170 
MMP C36   H361   sing N N 171 
MMP C36   H362   sing N N 172 
MMP C36   H363   sing N N 173 
MMP C37   C38    sing N N 174 
MMP C37   H371   sing N N 175 
MMP C37   H372   sing N N 176 
MMP C38   C39    sing N N 177 
MMP C38   H381   sing N N 178 
MMP C38   H382   sing N N 179 
MMP C39   O31    sing N N 180 
MMP C39   O32    doub N N 181 
MMP O31   HO31   sing N N 182 
MMP N4    C41    doub Y N 183 
MMP N4    C44    sing Y N 184 
MMP C41   C42    sing N N 185 
MMP C42   C43    doub N N 186 
MMP C42   C47    sing N N 187 
MMP C43   C44    sing N N 188 
MMP C43   C46    sing N N 189 
MMP C44   C45    doub Y Z 190 
MMP C45   H45    sing N N 191 
MMP C46   H461   sing N N 192 
MMP C46   H462   sing N N 193 
MMP C46   H463   sing N N 194 
MMP C47   C48    sing N N 195 
MMP C47   H471   sing N N 196 
MMP C47   H472   sing N N 197 
MMP C48   C49    sing N N 198 
MMP C48   H481   sing N N 199 
MMP C48   H482   sing N N 200 
MMP C49   O41    sing N N 201 
MMP C49   O42    doub N N 202 
MMP O41   HO41   sing N N 203 
# 
loop_
_ndb_struct_conf_na.entry_id 
_ndb_struct_conf_na.feature 
4FXM 'double helix'    
4FXM 'quadruple helix' 
# 
loop_
_ndb_struct_na_base_pair.model_number 
_ndb_struct_na_base_pair.i_label_asym_id 
_ndb_struct_na_base_pair.i_label_comp_id 
_ndb_struct_na_base_pair.i_label_seq_id 
_ndb_struct_na_base_pair.i_symmetry 
_ndb_struct_na_base_pair.j_label_asym_id 
_ndb_struct_na_base_pair.j_label_comp_id 
_ndb_struct_na_base_pair.j_label_seq_id 
_ndb_struct_na_base_pair.j_symmetry 
_ndb_struct_na_base_pair.shear 
_ndb_struct_na_base_pair.stretch 
_ndb_struct_na_base_pair.stagger 
_ndb_struct_na_base_pair.buckle 
_ndb_struct_na_base_pair.propeller 
_ndb_struct_na_base_pair.opening 
_ndb_struct_na_base_pair.pair_number 
_ndb_struct_na_base_pair.pair_name 
_ndb_struct_na_base_pair.i_auth_asym_id 
_ndb_struct_na_base_pair.i_auth_seq_id 
_ndb_struct_na_base_pair.i_PDB_ins_code 
_ndb_struct_na_base_pair.j_auth_asym_id 
_ndb_struct_na_base_pair.j_auth_seq_id 
_ndb_struct_na_base_pair.j_PDB_ins_code 
_ndb_struct_na_base_pair.hbond_type_28 
_ndb_struct_na_base_pair.hbond_type_12 
1 A DG 2 1_555 A DG 20 1_555 -1.546 -3.532 -0.003 -2.465 2.297  89.510  1 A_DG2:DG20_A A 2 ? A 20 ? 6 3 
1 A DG 3 1_555 A DG 21 1_555 -1.513 -3.580 0.074  -5.460 8.719  89.723  2 A_DG3:DG21_A A 3 ? A 21 ? 6 3 
1 A DG 9 1_555 A DG 15 1_555 1.509  3.614  -0.108 9.604  -9.007 -89.159 3 A_DG9:DG15_A A 9 ? A 15 ? 6 3 
1 A DG 8 1_555 A DG 14 1_555 1.547  3.452  0.011  3.178  -2.434 -88.699 4 A_DG8:DG14_A A 8 ? A 14 ? 6 3 
# 
loop_
_ndb_struct_na_base_pair_step.model_number 
_ndb_struct_na_base_pair_step.i_label_asym_id_1 
_ndb_struct_na_base_pair_step.i_label_comp_id_1 
_ndb_struct_na_base_pair_step.i_label_seq_id_1 
_ndb_struct_na_base_pair_step.i_symmetry_1 
_ndb_struct_na_base_pair_step.j_label_asym_id_1 
_ndb_struct_na_base_pair_step.j_label_comp_id_1 
_ndb_struct_na_base_pair_step.j_label_seq_id_1 
_ndb_struct_na_base_pair_step.j_symmetry_1 
_ndb_struct_na_base_pair_step.i_label_asym_id_2 
_ndb_struct_na_base_pair_step.i_label_comp_id_2 
_ndb_struct_na_base_pair_step.i_label_seq_id_2 
_ndb_struct_na_base_pair_step.i_symmetry_2 
_ndb_struct_na_base_pair_step.j_label_asym_id_2 
_ndb_struct_na_base_pair_step.j_label_comp_id_2 
_ndb_struct_na_base_pair_step.j_label_seq_id_2 
_ndb_struct_na_base_pair_step.j_symmetry_2 
_ndb_struct_na_base_pair_step.shift 
_ndb_struct_na_base_pair_step.slide 
_ndb_struct_na_base_pair_step.rise 
_ndb_struct_na_base_pair_step.tilt 
_ndb_struct_na_base_pair_step.roll 
_ndb_struct_na_base_pair_step.twist 
_ndb_struct_na_base_pair_step.x_displacement 
_ndb_struct_na_base_pair_step.y_displacement 
_ndb_struct_na_base_pair_step.helical_rise 
_ndb_struct_na_base_pair_step.inclination 
_ndb_struct_na_base_pair_step.tip 
_ndb_struct_na_base_pair_step.helical_twist 
_ndb_struct_na_base_pair_step.step_number 
_ndb_struct_na_base_pair_step.step_name 
_ndb_struct_na_base_pair_step.i_auth_asym_id_1 
_ndb_struct_na_base_pair_step.i_auth_seq_id_1 
_ndb_struct_na_base_pair_step.i_PDB_ins_code_1 
_ndb_struct_na_base_pair_step.j_auth_asym_id_1 
_ndb_struct_na_base_pair_step.j_auth_seq_id_1 
_ndb_struct_na_base_pair_step.j_PDB_ins_code_1 
_ndb_struct_na_base_pair_step.i_auth_asym_id_2 
_ndb_struct_na_base_pair_step.i_auth_seq_id_2 
_ndb_struct_na_base_pair_step.i_PDB_ins_code_2 
_ndb_struct_na_base_pair_step.j_auth_asym_id_2 
_ndb_struct_na_base_pair_step.j_auth_seq_id_2 
_ndb_struct_na_base_pair_step.j_PDB_ins_code_2 
1 A DG 2 1_555 A DG 20 1_555 A DG 3 1_555 A DG 21 1_555 -0.542 -0.764 3.210  1.414  3.520  28.694  -2.279 1.387 3.067  7.063 
-2.837 28.939  1 AA_DG2DG3:DG21DG20_AA A 2 ? A 20 ? A 3 ? A 21 ? 
1 A DG 3 1_555 A DG 21 1_555 A DG 9 1_555 A DG 15 1_555 -1.471 -3.570 0.004  -6.075 6.151  179.460 -1.785 0.736 0.004  3.076 3.037 
179.461 2 AA_DG3DG9:DG15DG21_AA A 3 ? A 21 ? A 9 ? A 15 ? 
1 A DG 9 1_555 A DG 15 1_555 A DG 8 1_555 A DG 14 1_555 0.461  0.785  -3.190 -1.083 -3.502 -28.009 -2.389 1.186 -3.051 7.197 
-2.225 -28.243 3 AA_DG9DG8:DG14DG15_AA A 9 ? A 15 ? A 8 ? A 14 ? 
# 
loop_
_pdbx_entity_nonpoly.entity_id 
_pdbx_entity_nonpoly.name 
_pdbx_entity_nonpoly.comp_id 
2 'POTASSIUM ION'       K   
3 N-METHYLMESOPORPHYRIN MMP 
4 water                 HOH 
# 
_pdbx_initial_refinement_model.id               1 
_pdbx_initial_refinement_model.entity_id_list   ? 
_pdbx_initial_refinement_model.type             'experimental model' 
_pdbx_initial_refinement_model.source_name      PDB 
_pdbx_initial_refinement_model.accession_code   3T5E 
_pdbx_initial_refinement_model.details          'PDB ENTRY 3T5E' 
# 
